data_5UDA
#
_entry.id   5UDA
#
_cell.length_a   77.490
_cell.length_b   77.490
_cell.length_c   202.150
_cell.angle_alpha   90.00
_cell.angle_beta   90.00
_cell.angle_gamma   120.00
#
_symmetry.space_group_name_H-M   'P 32'
#
loop_
_entity.id
_entity.type
_entity.pdbx_description
1 polymer 'Cytochrome P450 2B6'
2 non-polymer 'PROTOPORPHYRIN IX CONTAINING FE'
3 non-polymer CAMPHANE
4 non-polymer 5-CYCLOHEXYL-1-PENTYL-BETA-D-MALTOSIDE
5 water water
#
_entity_poly.entity_id   1
_entity_poly.type   'polypeptide(L)'
_entity_poly.pdbx_seq_one_letter_code
;MAKKTSSKGKLPPGPRPLPLLGNLLQMDRRGLLKSFLRFREKYGDVFTVHLGPRPVVMLCGVEAIREALVDKAEAFSGRG
KIAMVDPFFRGYGVIFANGNRWKVLRRFSVTTMRDFGMGKRSVEERIQEEAQCLIEELRKSKGALMDPTFLFQSITANII
CSIVFGKRFHYQDQEFLKMLNLFYQTFSLISSVFGQLFELFSGFLKHFPGAHRQVYKNLQEINAYIGHSVEKHRETLDPS
APRDLIDTYLLHMEKEKSNAHSEFSHQNLNLNTLSLFFAGTETTSTTLRYGFLLMLKYPHVAERVYREIEQVIGPHRPPE
LHDRAKMPYTEAVIYEIQRFSDLLPMGVPHIVTQHTSFRGYIIPKDTEVFLILSTALHDPHYFEKPDAFNPDHFLDANGA
LKKTEAFIPFSLGKRICLGEGIARAELFLFFTTILQNFSMASPVAPEDIDLTPQECGVGKIPPTYQIRFLPRHHHH
;
_entity_poly.pdbx_strand_id   A,B
#
loop_
_chem_comp.id
_chem_comp.type
_chem_comp.name
_chem_comp.formula
CAE non-polymer CAMPHANE 'C10 H18'
CM5 non-polymer 5-CYCLOHEXYL-1-PENTYL-BETA-D-MALTOSIDE 'C23 H42 O11'
HEM non-polymer 'PROTOPORPHYRIN IX CONTAINING FE' 'C34 H32 Fe N4 O4'
#
# COMPACT_ATOMS: atom_id res chain seq x y z
N GLY A 9 -10.58 25.98 18.90
CA GLY A 9 -9.96 24.83 19.64
C GLY A 9 -10.66 23.52 19.30
N LYS A 10 -11.71 23.60 18.48
CA LYS A 10 -12.23 22.40 17.83
C LYS A 10 -12.24 22.63 16.30
N LEU A 11 -13.13 21.94 15.58
CA LEU A 11 -13.14 22.09 14.14
C LEU A 11 -13.59 23.50 13.76
N PRO A 12 -13.15 23.96 12.56
CA PRO A 12 -13.79 25.18 12.05
C PRO A 12 -15.30 25.11 12.11
N PRO A 13 -15.97 26.31 12.22
CA PRO A 13 -17.44 26.46 12.28
C PRO A 13 -18.05 26.03 10.96
N GLY A 14 -19.31 25.69 10.98
CA GLY A 14 -20.07 25.61 9.74
C GLY A 14 -21.46 25.25 10.05
N PRO A 15 -22.24 24.91 9.02
CA PRO A 15 -23.63 24.55 9.18
C PRO A 15 -23.82 23.26 10.03
N ARG A 16 -24.84 23.30 10.90
CA ARG A 16 -25.11 22.16 11.81
C ARG A 16 -25.59 20.99 10.98
N PRO A 17 -24.96 19.85 11.17
CA PRO A 17 -25.28 18.66 10.38
C PRO A 17 -26.45 17.87 11.02
N LEU A 18 -27.11 17.03 10.22
CA LEU A 18 -28.00 15.95 10.68
C LEU A 18 -27.31 14.60 10.69
N PRO A 19 -27.65 13.73 11.65
CA PRO A 19 -27.02 12.41 11.57
C PRO A 19 -27.37 11.78 10.21
N LEU A 20 -26.43 11.01 9.67
CA LEU A 20 -26.55 10.31 8.35
C LEU A 20 -26.48 11.18 7.09
N LEU A 21 -27.27 12.25 7.07
CA LEU A 21 -27.35 13.14 5.93
C LEU A 21 -26.21 14.20 5.95
N GLY A 22 -25.57 14.41 7.11
CA GLY A 22 -24.62 15.47 7.30
C GLY A 22 -25.28 16.75 6.92
N ASN A 23 -24.62 17.59 6.06
CA ASN A 23 -25.19 18.90 5.69
C ASN A 23 -25.98 18.89 4.42
N LEU A 24 -26.51 17.72 4.00
CA LEU A 24 -27.23 17.63 2.72
C LEU A 24 -28.30 18.69 2.52
N LEU A 25 -29.14 18.89 3.55
CA LEU A 25 -30.29 19.74 3.36
C LEU A 25 -29.91 21.21 3.29
N GLN A 26 -28.67 21.53 3.64
CA GLN A 26 -28.16 22.89 3.44
C GLN A 26 -27.42 23.13 2.14
N MET A 27 -27.28 22.09 1.30
CA MET A 27 -26.50 22.21 0.05
C MET A 27 -27.26 22.92 -1.04
N ASP A 28 -26.54 23.34 -2.09
CA ASP A 28 -27.13 23.97 -3.24
C ASP A 28 -27.27 22.95 -4.33
N ARG A 29 -28.45 22.92 -4.97
CA ARG A 29 -28.73 21.88 -5.96
C ARG A 29 -27.75 21.93 -7.09
N ARG A 30 -27.09 23.07 -7.25
CA ARG A 30 -26.22 23.36 -8.42
C ARG A 30 -24.89 22.62 -8.29
N GLY A 31 -24.62 22.04 -7.13
CA GLY A 31 -23.38 21.22 -6.93
C GLY A 31 -22.55 21.59 -5.70
N LEU A 32 -21.45 20.89 -5.49
CA LEU A 32 -20.60 21.08 -4.34
C LEU A 32 -19.99 22.49 -4.25
N LEU A 33 -19.43 22.95 -5.37
CA LEU A 33 -18.63 24.20 -5.33
C LEU A 33 -19.65 25.31 -4.93
N LYS A 34 -20.80 25.36 -5.62
CA LYS A 34 -21.82 26.40 -5.31
C LYS A 34 -22.26 26.31 -3.83
N SER A 35 -22.40 25.09 -3.32
CA SER A 35 -22.74 24.88 -1.94
C SER A 35 -21.69 25.48 -1.04
N PHE A 36 -20.42 25.21 -1.33
CA PHE A 36 -19.35 25.70 -0.49
C PHE A 36 -19.16 27.21 -0.54
N LEU A 37 -19.32 27.80 -1.72
CA LEU A 37 -19.22 29.24 -1.84
C LEU A 37 -20.37 29.97 -1.02
N ARG A 38 -21.53 29.35 -1.01
CA ARG A 38 -22.63 29.88 -0.13
C ARG A 38 -22.26 29.76 1.34
N PHE A 39 -21.67 28.63 1.77
CA PHE A 39 -21.11 28.55 3.13
C PHE A 39 -20.01 29.56 3.47
N ARG A 40 -19.14 29.85 2.50
CA ARG A 40 -18.13 30.83 2.72
C ARG A 40 -18.74 32.26 3.04
N GLU A 41 -19.86 32.59 2.40
CA GLU A 41 -20.45 33.96 2.59
C GLU A 41 -20.74 34.07 4.10
N LYS A 42 -21.28 33.00 4.67
CA LYS A 42 -21.64 33.00 6.07
C LYS A 42 -20.49 32.78 7.02
N TYR A 43 -19.59 31.83 6.72
CA TYR A 43 -18.65 31.39 7.72
C TYR A 43 -17.24 31.94 7.52
N GLY A 44 -16.98 32.51 6.36
CA GLY A 44 -15.61 32.97 6.10
C GLY A 44 -14.78 31.89 5.34
N ASP A 45 -13.47 32.03 5.38
CA ASP A 45 -12.60 31.29 4.47
C ASP A 45 -12.27 29.88 4.95
N VAL A 46 -12.54 29.62 6.24
CA VAL A 46 -12.15 28.33 6.87
C VAL A 46 -13.37 27.80 7.51
N PHE A 47 -13.91 26.70 7.00
CA PHE A 47 -15.13 26.16 7.57
C PHE A 47 -15.25 24.66 7.38
N THR A 48 -16.20 24.05 8.10
CA THR A 48 -16.40 22.58 8.02
C THR A 48 -17.71 22.23 7.40
N VAL A 49 -17.70 21.25 6.48
CA VAL A 49 -18.94 20.80 5.95
C VAL A 49 -18.98 19.28 6.17
N HIS A 50 -20.14 18.78 6.52
CA HIS A 50 -20.33 17.35 6.68
C HIS A 50 -20.86 16.76 5.40
N LEU A 51 -20.01 16.02 4.71
CA LEU A 51 -20.37 15.42 3.42
C LEU A 51 -20.84 13.98 3.78
N GLY A 52 -22.16 13.77 3.83
CA GLY A 52 -22.70 12.51 4.39
C GLY A 52 -22.04 12.31 5.76
N PRO A 53 -21.42 11.15 5.96
CA PRO A 53 -20.98 10.75 7.33
C PRO A 53 -19.78 11.43 7.96
N ARG A 54 -19.02 12.26 7.24
CA ARG A 54 -17.68 12.73 7.69
C ARG A 54 -17.53 14.29 7.52
N PRO A 55 -16.82 14.95 8.48
CA PRO A 55 -16.55 16.39 8.30
C PRO A 55 -15.34 16.59 7.33
N VAL A 56 -15.45 17.60 6.46
CA VAL A 56 -14.34 17.99 5.55
C VAL A 56 -14.08 19.48 5.77
N VAL A 57 -12.84 19.88 6.03
CA VAL A 57 -12.55 21.27 6.19
C VAL A 57 -12.32 21.93 4.82
N MET A 58 -12.99 23.08 4.56
CA MET A 58 -12.75 23.86 3.34
C MET A 58 -11.81 25.03 3.61
N LEU A 59 -10.78 25.22 2.76
CA LEU A 59 -9.92 26.39 2.91
C LEU A 59 -10.10 27.24 1.64
N CYS A 60 -10.46 28.50 1.82
CA CYS A 60 -10.75 29.38 0.69
C CYS A 60 -9.88 30.62 0.69
N GLY A 61 -9.49 31.06 -0.51
CA GLY A 61 -8.68 32.29 -0.71
C GLY A 61 -7.20 31.95 -0.73
N VAL A 62 -6.39 32.75 -1.38
CA VAL A 62 -4.99 32.29 -1.52
C VAL A 62 -4.17 32.31 -0.18
N GLU A 63 -4.53 33.21 0.77
CA GLU A 63 -3.78 33.22 2.04
C GLU A 63 -3.99 31.97 2.81
N ALA A 64 -5.24 31.55 2.97
CA ALA A 64 -5.46 30.36 3.81
C ALA A 64 -4.87 29.12 3.12
N ILE A 65 -5.02 29.04 1.79
CA ILE A 65 -4.56 27.82 1.09
C ILE A 65 -3.01 27.73 1.14
N ARG A 66 -2.33 28.85 0.97
CA ARG A 66 -0.86 28.87 1.04
C ARG A 66 -0.38 28.63 2.47
N GLU A 67 -1.05 29.21 3.45
CA GLU A 67 -0.70 28.91 4.85
C GLU A 67 -0.73 27.41 5.13
N ALA A 68 -1.74 26.73 4.59
CA ALA A 68 -1.89 25.30 4.83
C ALA A 68 -0.84 24.49 4.04
N LEU A 69 -0.79 24.71 2.72
CA LEU A 69 0.01 23.84 1.87
C LEU A 69 1.52 24.17 1.94
N VAL A 70 1.86 25.45 2.14
CA VAL A 70 3.27 25.83 2.20
C VAL A 70 3.79 25.93 3.65
N ASP A 71 3.19 26.83 4.41
CA ASP A 71 3.63 27.02 5.79
C ASP A 71 3.43 25.82 6.65
N LYS A 72 2.36 25.03 6.42
CA LYS A 72 2.14 23.84 7.20
C LYS A 72 2.19 22.54 6.39
N ALA A 73 3.14 22.44 5.47
CA ALA A 73 3.30 21.23 4.62
C ALA A 73 3.52 19.89 5.46
N GLU A 74 3.95 20.00 6.71
CA GLU A 74 4.14 18.76 7.52
C GLU A 74 2.82 18.18 7.93
N ALA A 75 1.75 18.93 7.79
CA ALA A 75 0.50 18.44 8.26
C ALA A 75 -0.48 18.32 7.07
N PHE A 76 -0.40 19.17 6.06
CA PHE A 76 -1.52 19.24 5.05
C PHE A 76 -1.17 18.54 3.75
N SER A 77 -0.12 17.70 3.77
CA SER A 77 0.39 17.07 2.51
C SER A 77 -0.15 15.69 2.21
N GLY A 78 -1.06 15.20 3.02
CA GLY A 78 -1.78 13.94 2.67
C GLY A 78 -2.77 14.09 1.57
N ARG A 79 -3.08 12.96 0.94
CA ARG A 79 -4.03 12.87 -0.12
C ARG A 79 -5.35 12.27 0.42
N GLY A 80 -6.47 12.97 0.20
CA GLY A 80 -7.81 12.34 0.45
C GLY A 80 -8.30 11.47 -0.73
N LYS A 81 -9.47 10.85 -0.61
CA LYS A 81 -10.05 10.00 -1.71
C LYS A 81 -11.06 10.78 -2.52
N ILE A 82 -11.22 10.38 -3.79
CA ILE A 82 -12.33 10.85 -4.57
C ILE A 82 -13.16 9.60 -4.63
N ALA A 83 -14.37 9.70 -4.06
CA ALA A 83 -15.19 8.47 -3.88
C ALA A 83 -15.41 7.75 -5.20
N MET A 84 -15.63 8.48 -6.28
CA MET A 84 -15.96 7.82 -7.59
C MET A 84 -14.79 6.96 -8.16
N VAL A 85 -13.56 7.21 -7.72
CA VAL A 85 -12.42 6.43 -8.27
C VAL A 85 -11.66 5.64 -7.23
N ASP A 86 -11.83 5.94 -5.92
CA ASP A 86 -11.10 5.18 -4.90
C ASP A 86 -11.25 3.65 -5.06
N PRO A 87 -12.42 3.15 -5.49
CA PRO A 87 -12.48 1.68 -5.52
C PRO A 87 -11.56 1.14 -6.61
N PHE A 88 -11.22 1.96 -7.62
CA PHE A 88 -10.28 1.50 -8.60
C PHE A 88 -8.85 1.72 -8.12
N PHE A 89 -8.51 2.96 -7.73
CA PHE A 89 -7.10 3.22 -7.36
C PHE A 89 -6.64 2.68 -6.02
N ARG A 90 -7.51 2.75 -4.98
CA ARG A 90 -7.16 2.09 -3.70
C ARG A 90 -5.81 2.49 -3.19
N GLY A 91 -5.46 3.79 -3.36
CA GLY A 91 -4.19 4.18 -2.74
C GLY A 91 -2.92 3.82 -3.49
N TYR A 92 -3.04 3.28 -4.73
CA TYR A 92 -1.89 2.96 -5.60
C TYR A 92 -1.69 4.06 -6.68
N GLY A 93 -0.42 4.27 -7.06
CA GLY A 93 -0.07 5.33 -8.06
C GLY A 93 0.18 6.63 -7.33
N VAL A 94 0.92 7.50 -7.99
CA VAL A 94 1.39 8.65 -7.29
C VAL A 94 0.26 9.61 -6.85
N ILE A 95 -0.75 9.76 -7.67
CA ILE A 95 -1.82 10.67 -7.33
C ILE A 95 -2.51 10.27 -6.01
N PHE A 96 -2.82 9.01 -5.87
CA PHE A 96 -3.59 8.60 -4.72
C PHE A 96 -2.83 7.99 -3.54
N ALA A 97 -1.52 7.91 -3.65
CA ALA A 97 -0.71 7.40 -2.64
C ALA A 97 -0.51 8.40 -1.45
N ASN A 98 -0.22 7.81 -0.30
CA ASN A 98 0.18 8.49 0.89
C ASN A 98 1.47 7.88 1.45
N GLY A 99 2.01 8.59 2.43
CA GLY A 99 3.16 8.10 3.19
C GLY A 99 4.37 7.73 2.35
N ASN A 100 5.07 6.66 2.74
CA ASN A 100 6.30 6.35 2.04
C ASN A 100 6.01 5.94 0.60
N ARG A 101 4.90 5.28 0.34
CA ARG A 101 4.58 4.96 -1.04
C ARG A 101 4.62 6.22 -1.93
N TRP A 102 4.00 7.29 -1.41
CA TRP A 102 3.95 8.55 -2.16
C TRP A 102 5.36 9.08 -2.36
N LYS A 103 6.17 9.07 -1.30
CA LYS A 103 7.49 9.55 -1.42
C LYS A 103 8.21 8.87 -2.55
N VAL A 104 8.08 7.54 -2.65
CA VAL A 104 8.87 6.78 -3.62
C VAL A 104 8.35 7.05 -5.02
N LEU A 105 7.04 7.01 -5.16
CA LEU A 105 6.41 7.10 -6.47
C LEU A 105 6.53 8.55 -6.98
N ARG A 106 6.45 9.51 -6.08
CA ARG A 106 6.57 10.91 -6.47
C ARG A 106 8.02 11.13 -6.97
N ARG A 107 9.02 10.68 -6.21
CA ARG A 107 10.45 10.91 -6.64
C ARG A 107 10.74 10.18 -7.97
N PHE A 108 10.27 8.92 -8.04
CA PHE A 108 10.41 8.14 -9.27
C PHE A 108 9.79 8.88 -10.46
N SER A 109 8.55 9.32 -10.30
CA SER A 109 7.81 9.90 -11.41
C SER A 109 8.47 11.23 -11.87
N VAL A 110 8.82 12.05 -10.91
CA VAL A 110 9.52 13.32 -11.24
C VAL A 110 10.84 13.08 -12.02
N THR A 111 11.70 12.24 -11.48
CA THR A 111 13.01 11.88 -12.09
C THR A 111 12.89 11.31 -13.50
N THR A 112 11.91 10.48 -13.72
CA THR A 112 11.69 9.85 -15.00
C THR A 112 10.78 10.65 -15.90
N MET A 113 10.05 11.60 -15.33
CA MET A 113 9.30 12.54 -16.15
C MET A 113 10.27 13.51 -16.83
N ARG A 114 11.36 13.78 -16.12
CA ARG A 114 12.48 14.63 -16.54
C ARG A 114 13.51 14.08 -17.44
N ASP A 115 14.11 13.00 -17.00
CA ASP A 115 15.28 12.46 -17.64
C ASP A 115 15.03 11.56 -18.90
N PHE A 116 13.79 11.27 -19.21
CA PHE A 116 13.42 11.01 -20.58
C PHE A 116 12.80 12.27 -21.21
N GLY A 117 13.13 13.48 -20.81
CA GLY A 117 12.43 14.62 -21.38
C GLY A 117 12.27 15.99 -20.72
N ARG A 121 14.29 14.14 -28.13
CA ARG A 121 14.63 13.78 -26.75
C ARG A 121 13.93 14.69 -25.76
N SER A 122 14.33 15.95 -25.73
CA SER A 122 13.73 16.93 -24.82
C SER A 122 12.22 17.02 -25.01
N VAL A 123 11.49 17.25 -23.95
CA VAL A 123 10.06 17.45 -24.03
C VAL A 123 9.74 18.46 -25.11
N GLU A 124 10.57 19.49 -25.21
CA GLU A 124 10.21 20.59 -26.07
C GLU A 124 10.12 20.10 -27.48
N GLU A 125 11.10 19.26 -27.85
CA GLU A 125 11.14 18.76 -29.23
C GLU A 125 9.97 17.86 -29.52
N ARG A 126 9.60 17.05 -28.54
CA ARG A 126 8.45 16.10 -28.69
C ARG A 126 7.12 16.92 -28.90
N ILE A 127 6.99 18.00 -28.17
CA ILE A 127 5.74 18.85 -28.32
C ILE A 127 5.78 19.56 -29.66
N GLN A 128 6.95 20.06 -30.03
CA GLN A 128 7.08 20.69 -31.34
C GLN A 128 6.77 19.74 -32.46
N GLU A 129 7.29 18.50 -32.38
CA GLU A 129 6.94 17.52 -33.43
C GLU A 129 5.45 17.20 -33.36
N GLU A 130 4.93 16.97 -32.17
CA GLU A 130 3.45 16.69 -32.13
C GLU A 130 2.65 17.86 -32.75
N ALA A 131 3.10 19.09 -32.48
CA ALA A 131 2.36 20.25 -33.02
C ALA A 131 2.40 20.28 -34.54
N GLN A 132 3.52 19.89 -35.17
CA GLN A 132 3.53 19.81 -36.66
C GLN A 132 2.61 18.69 -37.16
N CYS A 133 2.56 17.55 -36.43
CA CYS A 133 1.59 16.52 -36.88
C CYS A 133 0.17 17.09 -36.81
N LEU A 134 -0.09 17.78 -35.71
CA LEU A 134 -1.41 18.36 -35.57
C LEU A 134 -1.75 19.37 -36.69
N ILE A 135 -0.81 20.25 -37.03
CA ILE A 135 -1.06 21.27 -38.08
C ILE A 135 -1.31 20.52 -39.38
N GLU A 136 -0.52 19.47 -39.63
CA GLU A 136 -0.79 18.67 -40.84
C GLU A 136 -2.20 18.08 -40.80
N GLU A 137 -2.61 17.53 -39.66
CA GLU A 137 -3.96 16.96 -39.55
C GLU A 137 -5.02 18.03 -39.83
N LEU A 138 -4.84 19.23 -39.26
CA LEU A 138 -5.84 20.31 -39.45
C LEU A 138 -5.88 20.78 -40.88
N ARG A 139 -4.70 20.88 -41.53
CA ARG A 139 -4.68 21.18 -43.01
C ARG A 139 -5.52 20.19 -43.81
N LYS A 140 -5.35 18.91 -43.48
CA LYS A 140 -6.07 17.82 -44.16
C LYS A 140 -7.56 17.85 -43.82
N SER A 141 -7.97 18.60 -42.80
CA SER A 141 -9.39 18.58 -42.52
C SER A 141 -10.11 19.60 -43.40
N LYS A 142 -9.38 20.36 -44.18
CA LYS A 142 -9.96 21.26 -45.14
C LYS A 142 -11.08 22.18 -44.60
N GLY A 143 -10.86 22.78 -43.44
CA GLY A 143 -11.78 23.69 -42.80
C GLY A 143 -13.12 23.07 -42.47
N ALA A 144 -13.22 21.73 -42.35
CA ALA A 144 -14.51 21.10 -41.93
C ALA A 144 -14.82 21.50 -40.47
N LEU A 145 -16.10 21.44 -40.10
CA LEU A 145 -16.53 21.51 -38.70
C LEU A 145 -16.10 20.28 -37.97
N MET A 146 -15.68 20.44 -36.72
CA MET A 146 -15.35 19.31 -35.90
C MET A 146 -15.57 19.71 -34.43
N ASP A 147 -15.84 18.72 -33.60
CA ASP A 147 -15.62 18.97 -32.12
C ASP A 147 -14.12 18.63 -31.95
N PRO A 148 -13.31 19.57 -31.48
CA PRO A 148 -11.88 19.32 -31.44
C PRO A 148 -11.38 18.49 -30.26
N THR A 149 -12.26 18.00 -29.41
CA THR A 149 -11.86 17.22 -28.21
C THR A 149 -10.88 16.10 -28.55
N PHE A 150 -11.16 15.30 -29.58
CA PHE A 150 -10.31 14.13 -29.83
C PHE A 150 -8.91 14.56 -30.20
N LEU A 151 -8.75 15.65 -30.94
CA LEU A 151 -7.38 16.02 -31.27
C LEU A 151 -6.68 16.68 -30.16
N PHE A 152 -7.43 17.44 -29.32
CA PHE A 152 -6.72 18.00 -28.15
C PHE A 152 -6.26 16.94 -27.18
N GLN A 153 -7.05 15.90 -27.04
CA GLN A 153 -6.68 14.69 -26.27
C GLN A 153 -5.48 13.96 -26.95
N SER A 154 -5.51 13.81 -28.27
CA SER A 154 -4.45 13.04 -28.91
C SER A 154 -3.13 13.66 -28.71
N ILE A 155 -3.07 14.99 -28.88
CA ILE A 155 -1.77 15.63 -28.77
C ILE A 155 -1.20 15.67 -27.38
N THR A 156 -2.05 15.79 -26.37
CA THR A 156 -1.53 15.84 -25.02
C THR A 156 -1.18 14.38 -24.57
N ALA A 157 -2.06 13.43 -24.90
CA ALA A 157 -1.78 11.99 -24.63
C ALA A 157 -0.47 11.58 -25.26
N ASN A 158 -0.29 11.97 -26.53
CA ASN A 158 0.98 11.63 -27.21
C ASN A 158 2.26 12.14 -26.58
N ILE A 159 2.22 13.24 -25.84
CA ILE A 159 3.41 13.70 -25.19
C ILE A 159 3.74 12.70 -24.06
N ILE A 160 2.74 12.42 -23.25
CA ILE A 160 2.96 11.46 -22.19
C ILE A 160 3.21 10.04 -22.68
N CYS A 161 2.58 9.63 -23.79
CA CYS A 161 2.88 8.33 -24.36
C CYS A 161 4.36 8.28 -24.74
N SER A 162 4.92 9.37 -25.23
CA SER A 162 6.28 9.22 -25.73
C SER A 162 7.21 8.97 -24.54
N ILE A 163 6.90 9.54 -23.38
CA ILE A 163 7.76 9.37 -22.18
C ILE A 163 7.49 8.00 -21.53
N VAL A 164 6.23 7.56 -21.52
CA VAL A 164 5.85 6.37 -20.75
C VAL A 164 5.97 5.08 -21.56
N PHE A 165 5.47 5.15 -22.79
CA PHE A 165 5.49 4.01 -23.71
C PHE A 165 6.55 4.06 -24.77
N GLY A 166 7.32 5.13 -24.84
CA GLY A 166 8.31 5.25 -25.88
C GLY A 166 7.77 5.37 -27.31
N LYS A 167 6.52 5.77 -27.49
CA LYS A 167 5.94 5.89 -28.82
C LYS A 167 4.75 6.89 -28.79
N ARG A 168 4.27 7.23 -29.96
CA ARG A 168 3.07 8.08 -30.09
C ARG A 168 2.11 7.28 -30.94
N PHE A 169 0.83 7.59 -30.83
CA PHE A 169 -0.22 6.92 -31.57
C PHE A 169 -0.77 7.84 -32.65
N HIS A 170 -1.21 7.25 -33.76
CA HIS A 170 -1.70 7.98 -34.95
C HIS A 170 -3.08 8.47 -34.66
N TYR A 171 -3.40 9.69 -35.09
CA TYR A 171 -4.75 10.22 -34.92
C TYR A 171 -5.89 9.37 -35.52
N GLN A 172 -5.54 8.50 -36.48
CA GLN A 172 -6.53 7.68 -37.18
C GLN A 172 -6.70 6.36 -36.52
N ASP A 173 -5.81 6.05 -35.59
CA ASP A 173 -5.93 4.82 -34.86
C ASP A 173 -7.22 4.71 -33.97
N GLN A 174 -8.19 3.86 -34.40
CA GLN A 174 -9.49 3.65 -33.68
C GLN A 174 -9.34 3.12 -32.25
N GLU A 175 -8.28 2.36 -32.00
CA GLU A 175 -8.02 1.84 -30.66
C GLU A 175 -7.65 2.99 -29.73
N PHE A 176 -6.64 3.74 -30.14
CA PHE A 176 -6.20 4.96 -29.41
C PHE A 176 -7.42 5.80 -29.17
N LEU A 177 -8.16 6.09 -30.22
CA LEU A 177 -9.38 6.87 -30.05
C LEU A 177 -10.30 6.30 -28.97
N LYS A 178 -10.43 5.00 -28.98
CA LYS A 178 -11.26 4.33 -28.03
C LYS A 178 -10.79 4.63 -26.56
N MET A 179 -9.47 4.58 -26.28
CA MET A 179 -8.96 4.94 -24.99
C MET A 179 -9.25 6.43 -24.62
N LEU A 180 -9.08 7.33 -25.58
CA LEU A 180 -9.36 8.75 -25.36
C LEU A 180 -10.84 8.96 -25.05
N ASN A 181 -11.72 8.23 -25.74
CA ASN A 181 -13.11 8.31 -25.44
C ASN A 181 -13.35 7.95 -23.99
N LEU A 182 -12.69 6.90 -23.52
CA LEU A 182 -12.83 6.50 -22.10
C LEU A 182 -12.29 7.56 -21.11
N PHE A 183 -11.19 8.24 -21.44
CA PHE A 183 -10.72 9.36 -20.53
C PHE A 183 -11.78 10.48 -20.49
N TYR A 184 -12.28 10.82 -21.67
CA TYR A 184 -13.27 11.90 -21.78
C TYR A 184 -14.55 11.55 -20.97
N GLN A 185 -15.11 10.36 -21.19
CA GLN A 185 -16.38 9.99 -20.52
C GLN A 185 -16.16 9.92 -19.03
N THR A 186 -14.99 9.45 -18.63
CA THR A 186 -14.78 9.10 -17.24
C THR A 186 -14.68 10.44 -16.48
N PHE A 187 -13.92 11.39 -17.03
CA PHE A 187 -13.71 12.65 -16.25
C PHE A 187 -15.10 13.34 -16.15
N SER A 188 -15.88 13.25 -17.23
CA SER A 188 -17.24 13.78 -17.20
C SER A 188 -18.11 13.13 -16.11
N LEU A 189 -18.07 11.79 -16.04
CA LEU A 189 -18.95 11.11 -15.09
C LEU A 189 -18.48 11.39 -13.66
N ILE A 190 -17.17 11.49 -13.47
CA ILE A 190 -16.69 11.83 -12.12
C ILE A 190 -17.24 13.19 -11.65
N SER A 191 -17.36 14.08 -12.61
CA SER A 191 -17.68 15.51 -12.36
C SER A 191 -19.19 15.74 -12.33
N SER A 192 -19.99 14.75 -12.80
CA SER A 192 -21.48 14.87 -12.89
C SER A 192 -22.13 15.10 -11.49
N VAL A 193 -23.42 15.42 -11.51
CA VAL A 193 -24.13 15.61 -10.25
C VAL A 193 -24.11 14.26 -9.50
N PHE A 194 -24.27 13.12 -10.18
CA PHE A 194 -24.22 11.84 -9.48
C PHE A 194 -22.86 11.67 -8.80
N GLY A 195 -21.77 12.06 -9.49
CA GLY A 195 -20.44 11.85 -8.93
C GLY A 195 -20.25 12.68 -7.67
N GLN A 196 -20.89 13.86 -7.62
CA GLN A 196 -20.83 14.73 -6.46
C GLN A 196 -21.69 14.11 -5.34
N LEU A 197 -22.84 13.57 -5.71
CA LEU A 197 -23.69 12.90 -4.69
C LEU A 197 -23.00 11.63 -4.12
N PHE A 198 -22.27 10.93 -4.97
CA PHE A 198 -21.48 9.77 -4.57
C PHE A 198 -20.43 10.11 -3.56
N GLU A 199 -19.87 11.31 -3.68
CA GLU A 199 -18.92 11.76 -2.74
C GLU A 199 -19.52 11.86 -1.33
N LEU A 200 -20.76 12.28 -1.24
CA LEU A 200 -21.46 12.31 0.07
C LEU A 200 -21.94 10.91 0.61
N PHE A 201 -22.48 10.09 -0.31
CA PHE A 201 -23.25 8.90 0.06
C PHE A 201 -22.76 7.60 -0.57
N SER A 202 -21.46 7.54 -0.91
CA SER A 202 -20.91 6.30 -1.50
C SER A 202 -21.21 5.04 -0.64
N GLY A 203 -21.05 5.13 0.67
CA GLY A 203 -21.46 4.02 1.61
C GLY A 203 -22.78 3.35 1.25
N PHE A 204 -23.78 4.14 0.87
CA PHE A 204 -25.12 3.71 0.47
C PHE A 204 -25.25 3.48 -1.02
N LEU A 205 -24.81 4.46 -1.84
CA LEU A 205 -25.05 4.37 -3.28
C LEU A 205 -24.24 3.29 -3.99
N LYS A 206 -23.14 2.81 -3.40
CA LYS A 206 -22.31 1.85 -4.09
C LYS A 206 -23.04 0.51 -4.40
N HIS A 207 -24.12 0.25 -3.64
CA HIS A 207 -24.91 -1.00 -3.76
C HIS A 207 -25.91 -0.98 -4.89
N PHE A 208 -26.10 0.19 -5.51
CA PHE A 208 -27.04 0.31 -6.61
C PHE A 208 -26.32 0.50 -7.97
N PRO A 209 -27.06 0.37 -9.11
CA PRO A 209 -26.43 0.70 -10.36
C PRO A 209 -26.05 2.16 -10.30
N GLY A 210 -25.04 2.55 -11.09
CA GLY A 210 -24.85 3.96 -11.24
C GLY A 210 -23.52 4.22 -11.88
N ALA A 211 -23.22 5.51 -11.97
CA ALA A 211 -22.12 5.97 -12.85
C ALA A 211 -20.81 5.54 -12.24
N HIS A 212 -20.77 5.28 -10.92
CA HIS A 212 -19.54 4.73 -10.30
C HIS A 212 -19.11 3.38 -10.92
N ARG A 213 -20.11 2.57 -11.27
CA ARG A 213 -19.82 1.28 -11.94
C ARG A 213 -19.30 1.51 -13.34
N GLN A 214 -19.87 2.49 -14.06
CA GLN A 214 -19.35 2.78 -15.39
C GLN A 214 -17.88 3.29 -15.35
N VAL A 215 -17.59 4.24 -14.44
CA VAL A 215 -16.19 4.69 -14.19
C VAL A 215 -15.20 3.54 -13.92
N TYR A 216 -15.60 2.65 -13.01
CA TYR A 216 -14.75 1.57 -12.66
C TYR A 216 -14.44 0.71 -13.91
N LYS A 217 -15.48 0.40 -14.66
CA LYS A 217 -15.30 -0.38 -15.90
C LYS A 217 -14.39 0.27 -16.94
N ASN A 218 -14.55 1.60 -17.14
CA ASN A 218 -13.71 2.38 -18.09
C ASN A 218 -12.25 2.32 -17.61
N LEU A 219 -12.01 2.57 -16.32
CA LEU A 219 -10.69 2.57 -15.82
C LEU A 219 -10.05 1.14 -15.96
N GLN A 220 -10.80 0.09 -15.71
CA GLN A 220 -10.25 -1.24 -15.95
C GLN A 220 -9.92 -1.49 -17.45
N GLU A 221 -10.71 -0.95 -18.35
CA GLU A 221 -10.45 -1.12 -19.77
C GLU A 221 -9.15 -0.40 -20.18
N ILE A 222 -8.93 0.80 -19.64
CA ILE A 222 -7.64 1.47 -19.89
C ILE A 222 -6.48 0.66 -19.26
N ASN A 223 -6.68 0.20 -18.03
CA ASN A 223 -5.62 -0.51 -17.28
C ASN A 223 -5.22 -1.85 -18.00
N ALA A 224 -6.19 -2.52 -18.61
CA ALA A 224 -5.91 -3.74 -19.44
C ALA A 224 -4.85 -3.41 -20.52
N TYR A 225 -4.99 -2.29 -21.22
CA TYR A 225 -3.87 -1.92 -22.15
C TYR A 225 -2.49 -1.73 -21.48
N ILE A 226 -2.50 -0.99 -20.36
CA ILE A 226 -1.25 -0.78 -19.64
C ILE A 226 -0.63 -2.13 -19.27
N GLY A 227 -1.42 -3.05 -18.74
CA GLY A 227 -0.89 -4.35 -18.28
C GLY A 227 -0.20 -5.09 -19.45
N HIS A 228 -0.83 -5.10 -20.62
CA HIS A 228 -0.26 -5.68 -21.85
C HIS A 228 1.09 -5.01 -22.25
N SER A 229 1.07 -3.69 -22.29
CA SER A 229 2.25 -2.99 -22.65
C SER A 229 3.36 -3.29 -21.62
N VAL A 230 3.03 -3.41 -20.34
CA VAL A 230 4.07 -3.78 -19.37
C VAL A 230 4.68 -5.16 -19.76
N GLU A 231 3.79 -6.09 -20.07
CA GLU A 231 4.17 -7.46 -20.47
C GLU A 231 5.14 -7.42 -21.68
N LYS A 232 4.79 -6.66 -22.72
CA LYS A 232 5.63 -6.52 -23.95
C LYS A 232 6.97 -5.84 -23.66
N HIS A 233 6.99 -4.93 -22.67
CA HIS A 233 8.21 -4.26 -22.30
C HIS A 233 9.08 -5.25 -21.52
N ARG A 234 8.46 -5.97 -20.61
CA ARG A 234 9.14 -7.00 -19.81
C ARG A 234 9.94 -7.97 -20.76
N GLU A 235 9.30 -8.33 -21.85
CA GLU A 235 9.80 -9.30 -22.80
C GLU A 235 10.92 -8.76 -23.64
N THR A 236 10.92 -7.46 -23.90
CA THR A 236 11.89 -6.91 -24.78
C THR A 236 12.90 -6.05 -24.05
N LEU A 237 12.83 -6.06 -22.72
CA LEU A 237 13.65 -5.13 -21.92
C LEU A 237 15.15 -5.40 -22.06
N ASP A 238 15.94 -4.33 -22.21
CA ASP A 238 17.37 -4.46 -22.17
C ASP A 238 17.90 -3.60 -21.06
N PRO A 239 18.41 -4.22 -19.93
CA PRO A 239 18.82 -3.42 -18.78
C PRO A 239 19.86 -2.37 -19.05
N SER A 240 20.62 -2.53 -20.15
CA SER A 240 21.69 -1.56 -20.50
C SER A 240 21.14 -0.32 -21.24
N ALA A 241 19.96 -0.43 -21.85
CA ALA A 241 19.32 0.73 -22.48
C ALA A 241 17.76 0.74 -22.28
N PRO A 242 17.29 1.22 -21.11
CA PRO A 242 15.85 1.39 -20.94
C PRO A 242 15.31 2.41 -21.94
N ARG A 243 14.14 2.12 -22.52
CA ARG A 243 13.59 2.98 -23.58
C ARG A 243 12.69 4.13 -23.08
N ASP A 244 12.17 4.01 -21.86
CA ASP A 244 11.05 4.86 -21.43
C ASP A 244 10.78 4.55 -19.97
N LEU A 245 9.74 5.19 -19.46
CA LEU A 245 9.52 5.15 -18.01
C LEU A 245 9.14 3.73 -17.57
N ILE A 246 8.40 2.97 -18.39
CA ILE A 246 8.05 1.61 -17.98
C ILE A 246 9.35 0.74 -17.76
N ASP A 247 10.31 0.83 -18.70
CA ASP A 247 11.58 0.08 -18.59
C ASP A 247 12.29 0.46 -17.33
N THR A 248 12.36 1.76 -17.04
CA THR A 248 13.08 2.25 -15.88
C THR A 248 12.41 1.69 -14.61
N TYR A 249 11.09 1.70 -14.58
CA TYR A 249 10.40 1.19 -13.38
C TYR A 249 10.71 -0.34 -13.23
N LEU A 250 10.61 -1.11 -14.35
CA LEU A 250 10.95 -2.53 -14.33
C LEU A 250 12.35 -2.85 -13.80
N LEU A 251 13.30 -1.96 -14.04
CA LEU A 251 14.66 -2.14 -13.56
C LEU A 251 14.73 -1.89 -12.06
N HIS A 252 13.93 -0.93 -11.58
CA HIS A 252 13.84 -0.74 -10.10
C HIS A 252 13.19 -1.97 -9.46
N MET A 253 12.19 -2.49 -10.10
CA MET A 253 11.44 -3.60 -9.56
C MET A 253 12.41 -4.82 -9.41
N GLU A 254 13.23 -5.00 -10.43
CA GLU A 254 14.29 -6.03 -10.40
C GLU A 254 15.32 -5.78 -9.31
N LYS A 255 15.82 -4.56 -9.17
CA LYS A 255 16.72 -4.25 -8.07
C LYS A 255 16.15 -4.58 -6.66
N GLU A 256 14.84 -4.34 -6.48
CA GLU A 256 14.27 -4.45 -5.15
C GLU A 256 13.53 -5.78 -4.95
N LYS A 257 13.68 -6.72 -5.89
CA LYS A 257 12.88 -7.94 -5.86
C LYS A 257 12.98 -8.80 -4.57
N SER A 258 14.09 -8.71 -3.83
CA SER A 258 14.19 -9.55 -2.60
C SER A 258 13.39 -8.92 -1.43
N ASN A 259 12.83 -7.72 -1.67
CA ASN A 259 12.01 -7.06 -0.66
C ASN A 259 10.52 -7.25 -0.94
N ALA A 260 9.84 -8.11 -0.16
CA ALA A 260 8.39 -8.33 -0.40
C ALA A 260 7.55 -7.04 -0.31
N HIS A 261 8.08 -6.07 0.43
CA HIS A 261 7.43 -4.76 0.70
C HIS A 261 7.86 -3.64 -0.25
N SER A 262 8.60 -3.96 -1.31
CA SER A 262 8.99 -2.93 -2.27
C SER A 262 7.70 -2.23 -2.80
N GLU A 263 7.83 -0.91 -2.98
CA GLU A 263 6.75 -0.11 -3.52
C GLU A 263 6.81 -0.30 -5.03
N PHE A 264 7.93 -0.83 -5.56
CA PHE A 264 7.96 -1.04 -7.04
C PHE A 264 7.19 -2.28 -7.38
N SER A 265 5.91 -2.25 -7.05
CA SER A 265 5.04 -3.39 -7.36
C SER A 265 4.37 -3.35 -8.70
N HIS A 266 3.76 -4.45 -9.14
CA HIS A 266 2.97 -4.39 -10.41
C HIS A 266 1.72 -3.54 -10.29
N GLN A 267 1.08 -3.55 -9.12
CA GLN A 267 -0.14 -2.70 -8.97
C GLN A 267 0.28 -1.20 -9.03
N ASN A 268 1.37 -0.85 -8.39
CA ASN A 268 1.84 0.55 -8.48
C ASN A 268 2.26 0.86 -9.89
N LEU A 269 2.82 -0.13 -10.59
CA LEU A 269 3.26 0.15 -11.97
C LEU A 269 2.07 0.44 -12.87
N ASN A 270 1.09 -0.43 -12.82
CA ASN A 270 -0.06 -0.21 -13.71
C ASN A 270 -0.79 1.11 -13.32
N LEU A 271 -1.05 1.29 -12.02
CA LEU A 271 -1.91 2.43 -11.61
C LEU A 271 -1.13 3.72 -11.56
N ASN A 272 0.17 3.66 -11.30
CA ASN A 272 0.96 4.88 -11.47
C ASN A 272 0.94 5.34 -12.93
N THR A 273 1.12 4.38 -13.81
CA THR A 273 1.13 4.67 -15.26
C THR A 273 -0.24 5.20 -15.70
N LEU A 274 -1.29 4.60 -15.34
CA LEU A 274 -2.61 5.08 -15.62
C LEU A 274 -2.77 6.52 -15.07
N SER A 275 -2.37 6.72 -13.85
CA SER A 275 -2.41 8.01 -13.24
C SER A 275 -1.74 9.10 -14.12
N LEU A 276 -0.51 8.85 -14.52
CA LEU A 276 0.25 9.80 -15.31
C LEU A 276 -0.43 10.07 -16.60
N PHE A 277 -0.95 9.03 -17.21
CA PHE A 277 -1.65 9.12 -18.45
C PHE A 277 -2.88 9.91 -18.43
N PHE A 278 -3.69 9.65 -17.44
CA PHE A 278 -4.97 10.25 -17.33
C PHE A 278 -4.74 11.71 -17.03
N ALA A 279 -3.96 12.02 -15.99
CA ALA A 279 -3.65 13.38 -15.69
C ALA A 279 -2.88 14.13 -16.81
N GLY A 280 -1.93 13.49 -17.44
CA GLY A 280 -1.24 14.02 -18.60
C GLY A 280 -2.10 14.40 -19.82
N THR A 281 -3.25 13.73 -19.97
CA THR A 281 -4.11 13.90 -21.10
C THR A 281 -5.29 14.83 -20.82
N GLU A 282 -6.08 14.51 -19.80
CA GLU A 282 -7.40 15.06 -19.76
C GLU A 282 -7.42 16.55 -19.24
N THR A 283 -6.41 16.88 -18.44
CA THR A 283 -6.25 18.20 -17.78
C THR A 283 -5.95 19.21 -18.91
N THR A 284 -4.81 19.05 -19.57
CA THR A 284 -4.40 19.95 -20.62
C THR A 284 -5.37 19.96 -21.77
N SER A 285 -5.97 18.80 -22.07
CA SER A 285 -6.88 18.69 -23.22
C SER A 285 -8.14 19.58 -22.90
N THR A 286 -8.62 19.48 -21.68
CA THR A 286 -9.85 20.23 -21.29
C THR A 286 -9.55 21.77 -21.32
N THR A 287 -8.36 22.12 -20.85
CA THR A 287 -7.94 23.54 -20.85
C THR A 287 -7.90 24.03 -22.32
N LEU A 288 -7.35 23.21 -23.21
CA LEU A 288 -7.39 23.61 -24.67
C LEU A 288 -8.79 23.76 -25.21
N ARG A 289 -9.70 22.82 -24.87
CA ARG A 289 -11.06 22.86 -25.31
C ARG A 289 -11.68 24.20 -24.83
N TYR A 290 -11.48 24.55 -23.55
CA TYR A 290 -12.03 25.89 -23.08
C TYR A 290 -11.38 27.07 -23.80
N GLY A 291 -10.07 26.97 -23.96
CA GLY A 291 -9.32 28.01 -24.60
C GLY A 291 -9.85 28.30 -26.01
N PHE A 292 -10.07 27.27 -26.84
CA PHE A 292 -10.61 27.59 -28.19
C PHE A 292 -12.08 28.05 -28.23
N LEU A 293 -12.86 27.55 -27.29
CA LEU A 293 -14.22 28.10 -27.15
C LEU A 293 -14.14 29.60 -26.81
N LEU A 294 -13.23 30.00 -25.91
CA LEU A 294 -13.02 31.39 -25.52
C LEU A 294 -12.50 32.19 -26.72
N MET A 295 -11.67 31.57 -27.58
CA MET A 295 -11.27 32.30 -28.84
C MET A 295 -12.38 32.51 -29.82
N LEU A 296 -13.35 31.58 -29.86
CA LEU A 296 -14.51 31.73 -30.72
C LEU A 296 -15.44 32.88 -30.18
N LYS A 297 -15.60 32.95 -28.88
CA LYS A 297 -16.41 34.02 -28.30
C LYS A 297 -15.67 35.38 -28.26
N TYR A 298 -14.34 35.41 -28.12
CA TYR A 298 -13.55 36.64 -28.12
C TYR A 298 -12.53 36.73 -29.29
N PRO A 299 -13.04 36.88 -30.52
CA PRO A 299 -12.14 36.74 -31.67
C PRO A 299 -11.15 37.87 -31.74
N HIS A 300 -11.42 39.00 -31.07
CA HIS A 300 -10.45 40.05 -31.01
C HIS A 300 -9.22 39.62 -30.24
N VAL A 301 -9.39 38.78 -29.24
CA VAL A 301 -8.21 38.30 -28.49
C VAL A 301 -7.37 37.40 -29.39
N ALA A 302 -8.04 36.49 -30.12
CA ALA A 302 -7.34 35.54 -31.05
C ALA A 302 -6.60 36.34 -32.14
N GLU A 303 -7.21 37.45 -32.60
CA GLU A 303 -6.58 38.27 -33.62
C GLU A 303 -5.35 38.93 -33.06
N ARG A 304 -5.41 39.46 -31.81
CA ARG A 304 -4.28 40.06 -31.21
C ARG A 304 -3.14 39.08 -30.90
N VAL A 305 -3.50 37.87 -30.48
CA VAL A 305 -2.42 36.85 -30.33
C VAL A 305 -1.83 36.65 -31.72
N TYR A 306 -2.66 36.54 -32.72
CA TYR A 306 -2.05 36.24 -34.02
C TYR A 306 -1.06 37.38 -34.43
N ARG A 307 -1.45 38.62 -34.16
CA ARG A 307 -0.59 39.76 -34.44
C ARG A 307 0.77 39.56 -33.79
N GLU A 308 0.76 39.28 -32.49
CA GLU A 308 1.96 39.01 -31.77
C GLU A 308 2.77 37.82 -32.35
N ILE A 309 2.11 36.72 -32.74
CA ILE A 309 2.87 35.63 -33.36
C ILE A 309 3.55 36.17 -34.67
N GLU A 310 2.83 36.93 -35.47
CA GLU A 310 3.43 37.46 -36.75
C GLU A 310 4.65 38.25 -36.44
N GLN A 311 4.57 39.12 -35.44
CA GLN A 311 5.63 40.08 -35.16
C GLN A 311 6.80 39.45 -34.46
N VAL A 312 6.54 38.45 -33.63
CA VAL A 312 7.67 37.86 -32.88
C VAL A 312 8.25 36.60 -33.55
N ILE A 313 7.38 35.76 -34.09
CA ILE A 313 7.76 34.49 -34.67
C ILE A 313 7.79 34.56 -36.19
N GLY A 314 6.73 35.13 -36.82
CA GLY A 314 6.59 35.10 -38.27
C GLY A 314 5.78 33.89 -38.69
N PRO A 315 5.42 33.78 -39.98
CA PRO A 315 4.47 32.76 -40.41
C PRO A 315 5.02 31.34 -40.66
N HIS A 316 6.32 31.16 -40.61
CA HIS A 316 6.96 29.90 -40.98
C HIS A 316 7.69 29.15 -39.90
N ARG A 317 8.54 29.83 -39.15
CA ARG A 317 9.35 29.16 -38.14
C ARG A 317 8.48 28.61 -37.00
N PRO A 318 8.66 27.34 -36.64
CA PRO A 318 7.85 26.79 -35.55
C PRO A 318 8.02 27.58 -34.27
N PRO A 319 6.92 27.87 -33.55
CA PRO A 319 7.13 28.40 -32.21
C PRO A 319 8.07 27.54 -31.34
N GLU A 320 8.76 28.19 -30.44
CA GLU A 320 9.69 27.51 -29.50
C GLU A 320 9.47 28.11 -28.13
N LEU A 321 9.89 27.44 -27.02
CA LEU A 321 9.67 27.96 -25.67
C LEU A 321 10.42 29.30 -25.39
N HIS A 322 11.54 29.47 -26.06
CA HIS A 322 12.26 30.72 -25.99
C HIS A 322 11.41 31.90 -26.44
N ASP A 323 10.45 31.67 -27.30
CA ASP A 323 9.52 32.74 -27.68
C ASP A 323 8.65 33.28 -26.54
N ARG A 324 8.46 32.54 -25.45
CA ARG A 324 7.55 33.00 -24.38
C ARG A 324 7.85 34.36 -23.80
N ALA A 325 9.09 34.55 -23.37
CA ALA A 325 9.56 35.84 -22.81
C ALA A 325 9.27 37.02 -23.72
N LYS A 326 9.29 36.83 -25.03
CA LYS A 326 8.92 37.91 -25.98
C LYS A 326 7.46 38.06 -26.32
N MET A 327 6.59 37.21 -25.71
CA MET A 327 5.19 37.20 -26.09
C MET A 327 4.30 37.34 -24.82
N PRO A 328 4.39 38.48 -24.13
CA PRO A 328 3.57 38.73 -22.95
C PRO A 328 2.07 38.63 -23.23
N TYR A 329 1.60 39.05 -24.41
CA TYR A 329 0.18 39.07 -24.66
C TYR A 329 -0.33 37.60 -24.70
N THR A 330 0.31 36.79 -25.52
CA THR A 330 -0.03 35.38 -25.64
C THR A 330 0.11 34.66 -24.23
N GLU A 331 1.18 34.89 -23.47
CA GLU A 331 1.29 34.26 -22.15
C GLU A 331 0.13 34.71 -21.26
N ALA A 332 -0.21 36.00 -21.29
CA ALA A 332 -1.34 36.53 -20.51
C ALA A 332 -2.62 35.85 -20.92
N VAL A 333 -2.81 35.64 -22.23
CA VAL A 333 -4.06 34.99 -22.70
C VAL A 333 -4.13 33.52 -22.15
N ILE A 334 -3.02 32.82 -22.19
CA ILE A 334 -3.03 31.45 -21.68
C ILE A 334 -3.20 31.44 -20.15
N TYR A 335 -2.58 32.38 -19.43
CA TYR A 335 -2.85 32.42 -18.00
C TYR A 335 -4.33 32.62 -17.76
N GLU A 336 -4.90 33.52 -18.53
CA GLU A 336 -6.27 33.82 -18.34
C GLU A 336 -7.22 32.70 -18.73
N ILE A 337 -6.85 31.97 -19.78
CA ILE A 337 -7.62 30.72 -20.12
C ILE A 337 -7.62 29.77 -18.89
N GLN A 338 -6.46 29.58 -18.27
CA GLN A 338 -6.28 28.65 -17.12
C GLN A 338 -7.04 29.16 -15.89
N ARG A 339 -6.99 30.49 -15.67
CA ARG A 339 -7.69 31.04 -14.51
C ARG A 339 -9.20 30.93 -14.71
N PHE A 340 -9.69 31.33 -15.89
CA PHE A 340 -11.11 31.35 -16.21
C PHE A 340 -11.67 29.89 -16.26
N SER A 341 -10.90 29.00 -16.89
CA SER A 341 -11.42 27.67 -17.12
C SER A 341 -11.43 26.89 -15.80
N ASP A 342 -10.55 27.23 -14.84
CA ASP A 342 -10.75 26.75 -13.40
C ASP A 342 -10.92 25.21 -13.44
N LEU A 343 -9.92 24.49 -13.99
CA LEU A 343 -10.07 23.06 -14.30
C LEU A 343 -10.55 22.19 -13.08
N LEU A 344 -9.94 22.38 -11.92
CA LEU A 344 -10.21 21.61 -10.74
C LEU A 344 -10.59 22.62 -9.63
N PRO A 345 -11.86 23.00 -9.58
CA PRO A 345 -12.22 24.16 -8.74
C PRO A 345 -11.98 23.87 -7.26
N MET A 346 -12.04 22.59 -6.86
CA MET A 346 -11.81 22.23 -5.47
C MET A 346 -10.51 21.51 -5.38
N GLY A 347 -9.66 21.69 -6.39
CA GLY A 347 -8.37 20.96 -6.43
C GLY A 347 -8.59 19.43 -6.30
N VAL A 348 -7.65 18.74 -5.68
CA VAL A 348 -7.74 17.31 -5.37
C VAL A 348 -7.72 17.17 -3.82
N PRO A 349 -8.59 16.36 -3.22
CA PRO A 349 -8.70 16.35 -1.75
C PRO A 349 -7.35 16.08 -1.08
N HIS A 350 -7.14 16.75 0.06
CA HIS A 350 -6.01 16.45 0.91
C HIS A 350 -6.55 15.85 2.22
N ILE A 351 -5.64 15.48 3.09
CA ILE A 351 -5.97 15.00 4.40
C ILE A 351 -4.86 15.45 5.34
N VAL A 352 -5.17 15.79 6.58
CA VAL A 352 -4.09 16.24 7.40
C VAL A 352 -3.49 14.95 8.00
N THR A 353 -2.18 14.92 8.11
CA THR A 353 -1.43 13.71 8.47
C THR A 353 -1.08 13.63 10.00
N GLN A 354 -1.45 14.69 10.76
CA GLN A 354 -1.11 14.79 12.20
C GLN A 354 -2.01 15.86 12.75
N HIS A 355 -2.34 15.81 14.06
CA HIS A 355 -3.25 16.81 14.68
C HIS A 355 -2.63 18.18 14.41
N THR A 356 -3.39 19.12 13.88
CA THR A 356 -2.78 20.35 13.46
C THR A 356 -3.60 21.57 13.93
N SER A 357 -2.95 22.64 14.32
CA SER A 357 -3.70 23.82 14.72
C SER A 357 -3.73 24.71 13.51
N PHE A 358 -4.88 25.28 13.23
CA PHE A 358 -4.95 26.17 12.10
C PHE A 358 -5.85 27.34 12.42
N ARG A 359 -5.30 28.54 12.45
CA ARG A 359 -6.09 29.74 12.78
C ARG A 359 -6.96 29.50 14.02
N GLY A 360 -6.35 28.87 15.04
CA GLY A 360 -6.98 28.69 16.38
C GLY A 360 -7.97 27.53 16.40
N TYR A 361 -8.07 26.78 15.29
CA TYR A 361 -8.91 25.60 15.26
C TYR A 361 -8.04 24.39 15.42
N ILE A 362 -8.63 23.26 15.72
CA ILE A 362 -7.82 22.08 15.84
C ILE A 362 -8.34 21.15 14.82
N ILE A 363 -7.49 20.77 13.89
CA ILE A 363 -7.93 19.83 12.86
C ILE A 363 -7.25 18.48 13.14
N PRO A 364 -8.05 17.48 13.44
CA PRO A 364 -7.44 16.25 13.93
C PRO A 364 -6.85 15.47 12.75
N LYS A 365 -5.83 14.67 13.07
CA LYS A 365 -5.29 13.69 12.12
C LYS A 365 -6.33 12.93 11.31
N ASP A 366 -6.08 12.86 10.00
CA ASP A 366 -6.97 12.17 9.07
C ASP A 366 -8.22 12.94 8.63
N THR A 367 -8.37 14.21 9.02
CA THR A 367 -9.53 14.92 8.53
C THR A 367 -9.24 15.33 7.07
N GLU A 368 -10.23 15.18 6.22
CA GLU A 368 -10.10 15.56 4.82
C GLU A 368 -10.16 17.08 4.76
N VAL A 369 -9.33 17.63 3.86
CA VAL A 369 -9.26 19.09 3.59
C VAL A 369 -9.41 19.34 2.07
N PHE A 370 -10.31 20.23 1.67
CA PHE A 370 -10.37 20.64 0.27
C PHE A 370 -9.75 22.09 0.20
N LEU A 371 -8.77 22.31 -0.68
CA LEU A 371 -8.29 23.63 -0.93
C LEU A 371 -9.08 24.17 -2.08
N ILE A 372 -9.90 25.19 -1.85
CA ILE A 372 -10.88 25.61 -2.90
C ILE A 372 -10.10 26.60 -3.83
N LEU A 373 -9.27 26.02 -4.71
CA LEU A 373 -8.45 26.77 -5.69
C LEU A 373 -9.28 27.79 -6.45
N SER A 374 -10.53 27.47 -6.74
CA SER A 374 -11.42 28.39 -7.49
C SER A 374 -11.56 29.77 -6.81
N THR A 375 -11.55 29.77 -5.46
CA THR A 375 -11.59 31.06 -4.78
C THR A 375 -10.32 31.93 -4.93
N ALA A 376 -9.16 31.32 -5.12
CA ALA A 376 -7.96 32.07 -5.42
C ALA A 376 -8.01 32.54 -6.85
N LEU A 377 -8.35 31.65 -7.78
CA LEU A 377 -8.52 32.04 -9.21
C LEU A 377 -9.55 33.16 -9.49
N HIS A 378 -10.53 33.31 -8.61
CA HIS A 378 -11.52 34.37 -8.77
C HIS A 378 -11.45 35.41 -7.66
N ASP A 379 -10.30 35.59 -7.08
CA ASP A 379 -10.17 36.59 -6.00
C ASP A 379 -10.31 37.99 -6.57
N PRO A 380 -11.31 38.76 -6.09
CA PRO A 380 -11.54 40.08 -6.71
C PRO A 380 -10.49 41.14 -6.32
N HIS A 381 -9.63 40.90 -5.37
CA HIS A 381 -8.53 41.83 -5.05
C HIS A 381 -7.41 41.63 -6.03
N TYR A 382 -7.27 40.43 -6.56
CA TYR A 382 -6.20 40.18 -7.51
C TYR A 382 -6.69 40.31 -8.95
N PHE A 383 -7.97 40.10 -9.18
CA PHE A 383 -8.55 40.17 -10.52
C PHE A 383 -9.79 41.03 -10.55
N GLU A 384 -9.74 42.23 -11.09
CA GLU A 384 -10.97 43.05 -11.14
C GLU A 384 -11.96 42.37 -12.07
N LYS A 385 -13.27 42.36 -11.79
CA LYS A 385 -14.11 41.50 -12.72
C LYS A 385 -13.65 39.97 -12.94
N PRO A 386 -13.55 39.22 -11.85
CA PRO A 386 -13.00 37.83 -11.93
C PRO A 386 -13.93 36.88 -12.69
N ASP A 387 -15.20 37.23 -12.89
CA ASP A 387 -16.07 36.32 -13.58
C ASP A 387 -15.99 36.48 -15.10
N ALA A 388 -15.21 37.41 -15.57
CA ALA A 388 -15.12 37.69 -17.05
C ALA A 388 -13.78 37.17 -17.59
N PHE A 389 -13.78 36.78 -18.87
CA PHE A 389 -12.52 36.42 -19.53
C PHE A 389 -11.82 37.72 -19.98
N ASN A 390 -10.67 38.00 -19.42
CA ASN A 390 -10.01 39.20 -19.79
C ASN A 390 -8.54 39.03 -19.68
N PRO A 391 -7.79 38.93 -20.81
CA PRO A 391 -6.33 38.78 -20.68
C PRO A 391 -5.61 39.85 -19.87
N ASP A 392 -6.20 41.06 -19.79
CA ASP A 392 -5.54 42.14 -19.02
C ASP A 392 -5.43 41.82 -17.54
N HIS A 393 -6.11 40.75 -17.07
CA HIS A 393 -5.92 40.27 -15.72
C HIS A 393 -4.48 39.92 -15.50
N PHE A 394 -3.77 39.62 -16.61
CA PHE A 394 -2.36 39.26 -16.47
C PHE A 394 -1.38 40.19 -17.20
N LEU A 395 -1.81 41.45 -17.43
CA LEU A 395 -0.94 42.46 -18.05
C LEU A 395 -0.90 43.75 -17.19
N ASP A 396 0.25 44.40 -17.14
CA ASP A 396 0.33 45.76 -16.49
C ASP A 396 -0.02 46.85 -17.50
N ALA A 397 0.11 48.12 -17.07
CA ALA A 397 -0.29 49.24 -17.92
C ALA A 397 0.56 49.30 -19.18
N ASN A 398 1.79 48.86 -19.07
CA ASN A 398 2.68 48.79 -20.18
C ASN A 398 2.51 47.57 -21.09
N GLY A 399 1.59 46.68 -20.76
CA GLY A 399 1.38 45.51 -21.62
C GLY A 399 2.49 44.51 -21.37
N ALA A 400 3.14 44.59 -20.23
CA ALA A 400 4.12 43.60 -19.89
C ALA A 400 3.36 42.51 -19.08
N LEU A 401 3.90 41.29 -19.04
CA LEU A 401 3.28 40.18 -18.29
C LEU A 401 3.26 40.52 -16.79
N LYS A 402 2.14 40.24 -16.13
CA LYS A 402 2.01 40.53 -14.68
C LYS A 402 1.56 39.23 -14.02
N LYS A 403 2.47 38.48 -13.43
CA LYS A 403 2.18 37.22 -12.72
C LYS A 403 1.67 37.60 -11.36
N THR A 404 0.87 36.70 -10.77
CA THR A 404 0.25 37.01 -9.46
C THR A 404 0.30 35.72 -8.57
N GLU A 405 0.54 35.87 -7.26
CA GLU A 405 0.52 34.69 -6.40
C GLU A 405 -0.90 34.08 -6.23
N ALA A 406 -1.96 34.75 -6.66
CA ALA A 406 -3.32 34.14 -6.66
C ALA A 406 -3.46 33.08 -7.76
N PHE A 407 -2.57 33.10 -8.76
CA PHE A 407 -2.71 32.16 -9.86
C PHE A 407 -2.18 30.81 -9.41
N ILE A 408 -3.05 29.99 -8.87
CA ILE A 408 -2.60 28.66 -8.36
C ILE A 408 -3.40 27.47 -8.91
N PRO A 409 -3.69 27.43 -10.25
CA PRO A 409 -4.54 26.35 -10.75
C PRO A 409 -3.82 24.93 -10.64
N PHE A 410 -2.52 24.88 -10.35
CA PHE A 410 -1.76 23.61 -10.13
C PHE A 410 -1.58 23.32 -8.64
N SER A 411 -2.22 24.13 -7.79
CA SER A 411 -2.07 24.02 -6.34
C SER A 411 -0.66 24.44 -5.89
N LEU A 412 -0.30 24.07 -4.67
CA LEU A 412 0.96 24.44 -4.06
C LEU A 412 1.49 23.32 -3.17
N GLY A 413 2.74 23.49 -2.74
CA GLY A 413 3.32 22.70 -1.64
C GLY A 413 3.74 21.30 -2.14
N LYS A 414 3.68 20.30 -1.27
CA LYS A 414 4.36 18.98 -1.58
C LYS A 414 3.69 18.20 -2.71
N ARG A 415 2.37 18.33 -2.80
CA ARG A 415 1.61 17.63 -3.82
C ARG A 415 1.31 18.54 -5.00
N ILE A 416 2.08 19.62 -5.18
CA ILE A 416 1.79 20.50 -6.34
C ILE A 416 1.89 19.67 -7.57
N CYS A 417 1.13 20.04 -8.58
CA CYS A 417 1.05 19.30 -9.85
C CYS A 417 2.44 18.96 -10.36
N LEU A 418 2.75 17.66 -10.56
CA LEU A 418 4.12 17.40 -10.98
C LEU A 418 4.29 17.67 -12.47
N GLY A 419 3.17 17.85 -13.18
CA GLY A 419 3.17 18.05 -14.62
C GLY A 419 3.11 19.56 -15.02
N GLU A 420 3.30 20.46 -14.05
CA GLU A 420 3.10 21.93 -14.30
C GLU A 420 3.96 22.37 -15.48
N GLY A 421 5.27 22.04 -15.47
CA GLY A 421 6.16 22.54 -16.56
C GLY A 421 5.74 22.03 -17.95
N ILE A 422 5.42 20.75 -17.98
CA ILE A 422 5.03 20.10 -19.21
C ILE A 422 3.71 20.71 -19.71
N ALA A 423 2.78 20.91 -18.77
CA ALA A 423 1.46 21.40 -19.13
C ALA A 423 1.63 22.82 -19.71
N ARG A 424 2.42 23.67 -19.07
CA ARG A 424 2.47 25.06 -19.60
C ARG A 424 3.24 25.10 -20.91
N ALA A 425 4.24 24.21 -21.05
CA ALA A 425 4.86 24.02 -22.43
C ALA A 425 3.94 23.60 -23.51
N GLU A 426 3.05 22.65 -23.18
CA GLU A 426 2.08 22.19 -24.16
C GLU A 426 1.10 23.30 -24.50
N LEU A 427 0.59 23.98 -23.48
CA LEU A 427 -0.38 25.04 -23.79
C LEU A 427 0.25 26.08 -24.69
N PHE A 428 1.40 26.57 -24.34
CA PHE A 428 2.08 27.55 -25.15
C PHE A 428 2.32 27.05 -26.57
N LEU A 429 2.98 25.93 -26.70
CA LEU A 429 3.35 25.47 -28.00
C LEU A 429 2.19 25.07 -28.87
N PHE A 430 1.25 24.32 -28.33
CA PHE A 430 0.10 24.02 -29.12
C PHE A 430 -0.77 25.22 -29.45
N PHE A 431 -1.05 26.08 -28.47
CA PHE A 431 -1.91 27.25 -28.77
C PHE A 431 -1.22 28.15 -29.91
N THR A 432 0.04 28.45 -29.74
CA THR A 432 0.70 29.38 -30.72
C THR A 432 0.87 28.72 -32.08
N THR A 433 1.17 27.42 -32.08
CA THR A 433 1.39 26.76 -33.38
C THR A 433 0.08 26.67 -34.19
N ILE A 434 -1.00 26.38 -33.49
CA ILE A 434 -2.29 26.40 -34.12
C ILE A 434 -2.63 27.77 -34.64
N LEU A 435 -2.58 28.77 -33.79
CA LEU A 435 -3.02 30.12 -34.24
C LEU A 435 -2.05 30.65 -35.33
N GLN A 436 -0.77 30.29 -35.24
CA GLN A 436 0.18 30.65 -36.35
C GLN A 436 -0.35 30.23 -37.72
N ASN A 437 -1.03 29.08 -37.79
CA ASN A 437 -1.32 28.51 -39.08
C ASN A 437 -2.76 28.63 -39.44
N PHE A 438 -3.60 28.92 -38.44
CA PHE A 438 -5.06 28.88 -38.65
C PHE A 438 -5.80 29.98 -37.91
N SER A 439 -6.90 30.46 -38.50
CA SER A 439 -7.86 31.26 -37.72
C SER A 439 -9.04 30.31 -37.51
N MET A 440 -9.98 30.72 -36.66
CA MET A 440 -11.10 29.84 -36.22
C MET A 440 -12.44 30.43 -36.61
N ALA A 441 -13.40 29.57 -36.87
CA ALA A 441 -14.76 30.04 -37.15
C ALA A 441 -15.68 29.03 -36.63
N SER A 442 -16.96 29.40 -36.48
CA SER A 442 -17.98 28.38 -36.21
C SER A 442 -19.34 28.97 -36.55
N PRO A 443 -20.38 28.12 -36.58
CA PRO A 443 -21.74 28.57 -36.87
C PRO A 443 -22.40 29.47 -35.81
N VAL A 444 -21.81 29.59 -34.62
CA VAL A 444 -22.45 30.31 -33.52
C VAL A 444 -21.82 31.69 -33.46
N ALA A 445 -22.63 32.74 -33.45
CA ALA A 445 -22.09 34.08 -33.32
C ALA A 445 -21.39 34.28 -31.94
N PRO A 446 -20.33 35.09 -31.84
CA PRO A 446 -19.62 35.22 -30.55
C PRO A 446 -20.60 35.58 -29.40
N GLU A 447 -21.53 36.49 -29.64
CA GLU A 447 -22.47 36.92 -28.55
C GLU A 447 -23.35 35.80 -28.07
N ASP A 448 -23.57 34.80 -28.89
CA ASP A 448 -24.46 33.67 -28.56
C ASP A 448 -23.68 32.47 -27.95
N ILE A 449 -22.36 32.52 -27.95
CA ILE A 449 -21.60 31.37 -27.43
C ILE A 449 -21.83 31.30 -25.91
N ASP A 450 -22.23 30.14 -25.41
CA ASP A 450 -22.48 30.02 -23.98
C ASP A 450 -21.28 29.29 -23.35
N LEU A 451 -20.64 29.95 -22.40
CA LEU A 451 -19.46 29.37 -21.75
C LEU A 451 -19.77 28.51 -20.54
N THR A 452 -21.09 28.34 -20.22
CA THR A 452 -21.47 27.59 -19.01
C THR A 452 -20.98 26.18 -19.10
N PRO A 453 -20.29 25.66 -18.06
CA PRO A 453 -19.72 24.34 -18.22
C PRO A 453 -20.77 23.25 -18.35
N GLN A 454 -20.46 22.19 -19.10
CA GLN A 454 -21.37 21.06 -19.22
C GLN A 454 -21.35 20.25 -17.91
N GLU A 455 -20.22 20.19 -17.19
CA GLU A 455 -20.22 19.56 -15.87
C GLU A 455 -19.38 20.48 -15.00
N CYS A 456 -19.68 20.51 -13.71
CA CYS A 456 -18.91 21.28 -12.74
C CYS A 456 -18.86 20.53 -11.40
N GLY A 457 -17.82 19.73 -11.21
CA GLY A 457 -17.68 18.92 -10.00
C GLY A 457 -16.20 18.92 -9.66
N VAL A 458 -15.59 17.74 -9.52
CA VAL A 458 -14.14 17.66 -9.38
C VAL A 458 -13.51 18.39 -10.56
N GLY A 459 -14.04 18.20 -11.77
CA GLY A 459 -13.57 18.92 -12.90
C GLY A 459 -14.61 19.91 -13.37
N LYS A 460 -14.13 20.99 -13.98
CA LYS A 460 -15.05 21.89 -14.70
C LYS A 460 -14.84 21.64 -16.23
N ILE A 461 -15.91 21.27 -16.89
CA ILE A 461 -15.72 20.61 -18.22
C ILE A 461 -16.60 21.47 -19.16
N PRO A 462 -15.99 22.07 -20.19
CA PRO A 462 -16.74 22.94 -21.10
C PRO A 462 -17.80 22.16 -21.89
N PRO A 463 -18.81 22.87 -22.45
CA PRO A 463 -19.76 22.26 -23.31
C PRO A 463 -19.07 21.82 -24.61
N THR A 464 -19.62 20.79 -25.25
CA THR A 464 -19.24 20.44 -26.64
C THR A 464 -19.53 21.59 -27.59
N TYR A 465 -18.75 21.74 -28.67
CA TYR A 465 -18.97 22.81 -29.61
C TYR A 465 -18.30 22.41 -30.91
N GLN A 466 -18.78 23.02 -31.99
CA GLN A 466 -18.13 22.80 -33.32
C GLN A 466 -17.21 23.95 -33.68
N ILE A 467 -16.15 23.65 -34.40
CA ILE A 467 -15.20 24.65 -34.80
C ILE A 467 -14.59 24.30 -36.17
N ARG A 468 -14.16 25.30 -36.93
CA ARG A 468 -13.40 25.11 -38.15
C ARG A 468 -12.07 25.79 -37.98
N PHE A 469 -11.01 25.13 -38.43
CA PHE A 469 -9.69 25.72 -38.46
C PHE A 469 -9.43 26.15 -39.92
N LEU A 470 -9.39 27.47 -40.14
CA LEU A 470 -9.18 28.00 -41.48
C LEU A 470 -7.72 28.39 -41.73
N PRO A 471 -7.12 27.83 -42.75
CA PRO A 471 -5.73 28.09 -43.07
C PRO A 471 -5.53 29.53 -43.45
N ARG A 472 -4.43 30.12 -43.01
CA ARG A 472 -4.23 31.52 -43.22
C ARG A 472 -3.66 31.78 -44.61
N GLY B 9 28.05 -38.66 31.78
CA GLY B 9 27.57 -38.19 33.07
C GLY B 9 28.00 -36.76 33.37
N LYS B 10 28.48 -36.08 32.36
CA LYS B 10 28.58 -34.66 32.37
C LYS B 10 27.72 -34.21 31.19
N LEU B 11 28.12 -33.21 30.44
CA LEU B 11 27.26 -32.74 29.38
C LEU B 11 27.22 -33.74 28.25
N PRO B 12 26.18 -33.73 27.44
CA PRO B 12 26.25 -34.56 26.22
C PRO B 12 27.54 -34.30 25.41
N PRO B 13 27.98 -35.32 24.62
CA PRO B 13 29.21 -35.28 23.81
C PRO B 13 29.05 -34.26 22.68
N GLY B 14 30.15 -33.79 22.13
CA GLY B 14 30.06 -33.09 20.86
C GLY B 14 31.43 -32.71 20.45
N PRO B 15 31.54 -31.88 19.40
CA PRO B 15 32.79 -31.43 18.86
C PRO B 15 33.60 -30.63 19.91
N ARG B 16 34.91 -30.86 19.93
CA ARG B 16 35.80 -30.16 20.90
C ARG B 16 35.88 -28.70 20.50
N PRO B 17 35.61 -27.82 21.46
CA PRO B 17 35.62 -26.38 21.20
C PRO B 17 37.04 -25.80 21.33
N LEU B 18 37.27 -24.61 20.76
CA LEU B 18 38.42 -23.74 21.11
C LEU B 18 38.02 -22.64 22.09
N PRO B 19 38.92 -22.23 23.00
CA PRO B 19 38.52 -21.10 23.85
C PRO B 19 38.15 -19.91 22.95
N LEU B 20 37.20 -19.10 23.41
CA LEU B 20 36.66 -17.89 22.71
C LEU B 20 35.76 -18.15 21.50
N LEU B 21 36.25 -18.98 20.59
CA LEU B 21 35.58 -19.31 19.36
C LEU B 21 34.53 -20.45 19.51
N GLY B 22 34.60 -21.20 20.62
CA GLY B 22 33.76 -22.35 20.85
C GLY B 22 33.96 -23.27 19.67
N ASN B 23 32.83 -23.80 19.09
CA ASN B 23 32.88 -24.68 17.90
C ASN B 23 32.82 -23.99 16.57
N LEU B 24 33.20 -22.69 16.49
CA LEU B 24 33.10 -21.97 15.18
C LEU B 24 33.71 -22.73 14.01
N LEU B 25 34.96 -23.21 14.18
CA LEU B 25 35.63 -23.78 13.03
C LEU B 25 35.03 -25.12 12.55
N GLN B 26 34.21 -25.76 13.37
CA GLN B 26 33.48 -26.96 12.91
C GLN B 26 32.10 -26.71 12.31
N MET B 27 31.66 -25.44 12.25
CA MET B 27 30.28 -25.12 11.77
C MET B 27 30.22 -25.19 10.28
N ASP B 28 28.99 -25.24 9.73
CA ASP B 28 28.75 -25.21 8.31
C ASP B 28 28.36 -23.79 7.91
N ARG B 29 28.96 -23.33 6.81
CA ARG B 29 28.77 -21.94 6.39
C ARG B 29 27.35 -21.64 6.04
N ARG B 30 26.58 -22.69 5.81
CA ARG B 30 25.17 -22.60 5.39
C ARG B 30 24.28 -22.23 6.56
N GLY B 31 24.81 -22.25 7.78
CA GLY B 31 24.04 -21.73 8.93
C GLY B 31 24.03 -22.69 10.11
N LEU B 32 23.33 -22.29 11.16
CA LEU B 32 23.25 -23.08 12.38
C LEU B 32 22.58 -24.44 12.19
N LEU B 33 21.42 -24.46 11.56
CA LEU B 33 20.63 -25.71 11.46
C LEU B 33 21.50 -26.75 10.69
N LYS B 34 22.11 -26.35 9.56
CA LYS B 34 22.95 -27.29 8.78
C LYS B 34 24.14 -27.76 9.65
N SER B 35 24.70 -26.87 10.46
CA SER B 35 25.81 -27.20 11.35
C SER B 35 25.37 -28.25 12.32
N PHE B 36 24.20 -28.05 12.95
CA PHE B 36 23.71 -29.01 13.96
C PHE B 36 23.33 -30.36 13.35
N LEU B 37 22.76 -30.37 12.15
CA LEU B 37 22.38 -31.64 11.53
C LEU B 37 23.66 -32.48 11.19
N ARG B 38 24.71 -31.79 10.84
CA ARG B 38 26.03 -32.50 10.57
C ARG B 38 26.57 -33.05 11.88
N PHE B 39 26.48 -32.27 12.98
CA PHE B 39 26.81 -32.83 14.31
C PHE B 39 25.94 -34.01 14.72
N ARG B 40 24.65 -33.96 14.42
CA ARG B 40 23.81 -35.09 14.71
C ARG B 40 24.27 -36.39 14.00
N GLU B 41 24.76 -36.29 12.75
CA GLU B 41 25.16 -37.54 12.01
C GLU B 41 26.29 -38.20 12.85
N LYS B 42 27.17 -37.40 13.45
CA LYS B 42 28.25 -37.98 14.29
C LYS B 42 27.90 -38.35 15.69
N TYR B 43 27.11 -37.50 16.38
CA TYR B 43 26.92 -37.62 17.80
C TYR B 43 25.60 -38.23 18.22
N GLY B 44 24.65 -38.34 17.29
CA GLY B 44 23.34 -38.83 17.71
C GLY B 44 22.40 -37.66 18.10
N ASP B 45 21.35 -37.99 18.84
CA ASP B 45 20.20 -37.07 18.93
C ASP B 45 20.40 -36.04 20.06
N VAL B 46 21.41 -36.29 20.92
CA VAL B 46 21.64 -35.44 22.10
C VAL B 46 23.10 -35.10 22.12
N PHE B 47 23.42 -33.82 21.92
CA PHE B 47 24.81 -33.39 21.86
C PHE B 47 24.96 -31.93 22.28
N THR B 48 26.21 -31.54 22.51
CA THR B 48 26.53 -30.18 22.94
C THR B 48 27.31 -29.44 21.91
N VAL B 49 26.93 -28.16 21.63
CA VAL B 49 27.71 -27.35 20.77
C VAL B 49 28.04 -26.06 21.53
N HIS B 50 29.27 -25.61 21.40
CA HIS B 50 29.70 -24.36 21.98
C HIS B 50 29.45 -23.21 21.03
N LEU B 51 28.47 -22.41 21.34
CA LEU B 51 28.14 -21.28 20.47
C LEU B 51 28.90 -20.08 21.06
N GLY B 52 30.01 -19.71 20.43
CA GLY B 52 30.92 -18.74 21.04
C GLY B 52 31.25 -19.19 22.46
N PRO B 53 31.00 -18.32 23.43
CA PRO B 53 31.52 -18.66 24.77
C PRO B 53 30.73 -19.63 25.65
N ARG B 54 29.59 -20.21 25.20
CA ARG B 54 28.64 -20.98 26.07
C ARG B 54 28.21 -22.33 25.42
N PRO B 55 28.15 -23.43 26.24
CA PRO B 55 27.66 -24.67 25.63
C PRO B 55 26.12 -24.64 25.50
N VAL B 56 25.60 -25.20 24.41
CA VAL B 56 24.13 -25.29 24.22
C VAL B 56 23.80 -26.74 23.91
N VAL B 57 22.88 -27.36 24.65
CA VAL B 57 22.52 -28.74 24.35
C VAL B 57 21.44 -28.77 23.22
N MET B 58 21.71 -29.61 22.21
CA MET B 58 20.76 -29.84 21.11
C MET B 58 19.99 -31.15 21.35
N LEU B 59 18.65 -31.10 21.22
CA LEU B 59 17.85 -32.34 21.33
C LEU B 59 17.19 -32.53 19.96
N CYS B 60 17.38 -33.70 19.36
CA CYS B 60 16.86 -33.97 18.03
C CYS B 60 15.95 -35.20 18.00
N GLY B 61 14.91 -35.12 17.16
CA GLY B 61 13.96 -36.26 16.97
C GLY B 61 12.81 -36.20 17.96
N VAL B 62 11.68 -36.79 17.62
CA VAL B 62 10.51 -36.48 18.49
C VAL B 62 10.61 -37.13 19.89
N GLU B 63 11.31 -38.28 19.99
CA GLU B 63 11.37 -38.97 21.28
C GLU B 63 12.14 -38.14 22.25
N ALA B 64 13.30 -37.61 21.83
CA ALA B 64 14.12 -36.90 22.81
C ALA B 64 13.46 -35.56 23.17
N ILE B 65 12.90 -34.89 22.17
CA ILE B 65 12.20 -33.61 22.45
C ILE B 65 10.99 -33.80 23.37
N ARG B 66 10.15 -34.82 23.13
CA ARG B 66 9.05 -35.05 24.00
C ARG B 66 9.51 -35.49 25.40
N GLU B 67 10.54 -36.33 25.47
CA GLU B 67 11.07 -36.68 26.80
C GLU B 67 11.43 -35.45 27.61
N ALA B 68 12.07 -34.47 26.98
CA ALA B 68 12.50 -33.27 27.68
C ALA B 68 11.30 -32.37 28.05
N LEU B 69 10.46 -32.04 27.03
CA LEU B 69 9.45 -31.01 27.26
C LEU B 69 8.20 -31.51 27.97
N VAL B 70 7.89 -32.79 27.81
CA VAL B 70 6.72 -33.36 28.47
C VAL B 70 7.11 -34.13 29.76
N ASP B 71 7.94 -35.14 29.62
CA ASP B 71 8.30 -35.98 30.77
C ASP B 71 9.15 -35.26 31.77
N LYS B 72 9.89 -34.25 31.33
CA LYS B 72 10.69 -33.51 32.25
C LYS B 72 10.39 -32.01 32.24
N ALA B 73 9.12 -31.67 32.20
CA ALA B 73 8.69 -30.26 32.19
C ALA B 73 9.17 -29.43 33.45
N GLU B 74 9.52 -30.08 34.56
CA GLU B 74 10.01 -29.32 35.76
C GLU B 74 11.37 -28.76 35.54
N ALA B 75 12.06 -29.27 34.54
CA ALA B 75 13.41 -28.87 34.33
C ALA B 75 13.55 -28.11 33.00
N PHE B 76 12.80 -28.49 31.96
CA PHE B 76 13.14 -27.97 30.57
C PHE B 76 12.22 -26.82 30.14
N SER B 77 11.52 -26.23 31.11
CA SER B 77 10.48 -25.23 30.75
C SER B 77 10.91 -23.79 30.78
N GLY B 78 12.19 -23.58 31.05
CA GLY B 78 12.76 -22.21 30.95
C GLY B 78 12.93 -21.75 29.55
N ARG B 79 13.01 -20.43 29.40
CA ARG B 79 13.22 -19.77 28.12
C ARG B 79 14.65 -19.24 28.03
N GLY B 80 15.31 -19.59 26.95
CA GLY B 80 16.62 -18.96 26.67
C GLY B 80 16.46 -17.64 25.90
N LYS B 81 17.54 -16.90 25.67
CA LYS B 81 17.56 -15.65 24.87
C LYS B 81 17.84 -15.91 23.40
N ILE B 82 17.33 -14.98 22.57
CA ILE B 82 17.74 -14.91 21.17
C ILE B 82 18.54 -13.64 21.21
N ALA B 83 19.83 -13.77 20.89
CA ALA B 83 20.77 -12.66 21.06
C ALA B 83 20.34 -11.43 20.27
N MET B 84 19.82 -11.61 19.06
CA MET B 84 19.46 -10.44 18.22
C MET B 84 18.28 -9.59 18.83
N VAL B 85 17.47 -10.18 19.73
CA VAL B 85 16.34 -9.42 20.33
C VAL B 85 16.38 -9.28 21.83
N ASP B 86 17.22 -10.04 22.53
CA ASP B 86 17.30 -9.87 23.96
C ASP B 86 17.56 -8.42 24.38
N PRO B 87 18.37 -7.64 23.62
CA PRO B 87 18.58 -6.31 24.17
C PRO B 87 17.32 -5.46 24.13
N PHE B 88 16.31 -5.83 23.32
CA PHE B 88 15.08 -5.12 23.37
C PHE B 88 14.13 -5.72 24.41
N PHE B 89 13.91 -7.05 24.37
CA PHE B 89 12.90 -7.61 25.28
C PHE B 89 13.35 -7.75 26.73
N ARG B 90 14.63 -8.13 26.97
CA ARG B 90 15.16 -8.11 28.35
C ARG B 90 14.33 -8.90 29.32
N GLY B 91 13.78 -10.07 28.88
CA GLY B 91 12.98 -10.82 29.87
C GLY B 91 11.58 -10.35 30.16
N TYR B 92 11.08 -9.33 29.40
CA TYR B 92 9.73 -8.82 29.58
C TYR B 92 8.79 -9.42 28.48
N GLY B 93 7.51 -9.64 28.86
CA GLY B 93 6.50 -10.19 27.87
C GLY B 93 6.52 -11.73 28.00
N VAL B 94 5.40 -12.33 27.62
CA VAL B 94 5.24 -13.75 27.82
C VAL B 94 6.32 -14.61 27.10
N ILE B 95 6.72 -14.20 25.91
CA ILE B 95 7.64 -14.98 25.08
C ILE B 95 9.03 -15.11 25.70
N PHE B 96 9.49 -14.05 26.35
CA PHE B 96 10.81 -14.04 26.91
C PHE B 96 10.93 -14.09 28.41
N ALA B 97 9.79 -14.13 29.08
CA ALA B 97 9.75 -14.23 30.51
C ALA B 97 10.13 -15.63 31.02
N ASN B 98 10.69 -15.61 32.22
CA ASN B 98 10.89 -16.76 33.02
C ASN B 98 10.21 -16.64 34.40
N GLY B 99 10.21 -17.77 35.09
CA GLY B 99 9.83 -17.83 36.52
C GLY B 99 8.43 -17.30 36.75
N ASN B 100 8.25 -16.57 37.84
CA ASN B 100 6.90 -16.17 38.21
C ASN B 100 6.35 -15.17 37.19
N ARG B 101 7.18 -14.31 36.65
CA ARG B 101 6.69 -13.40 35.59
C ARG B 101 6.01 -14.19 34.48
N TRP B 102 6.66 -15.27 34.08
CA TRP B 102 6.11 -16.08 32.97
C TRP B 102 4.77 -16.69 33.40
N LYS B 103 4.70 -17.25 34.60
CA LYS B 103 3.47 -17.83 35.07
C LYS B 103 2.36 -16.83 34.93
N VAL B 104 2.57 -15.62 35.42
CA VAL B 104 1.52 -14.59 35.45
C VAL B 104 1.09 -14.16 34.04
N LEU B 105 2.07 -13.84 33.20
CA LEU B 105 1.81 -13.30 31.90
C LEU B 105 1.28 -14.43 31.00
N ARG B 106 1.77 -15.64 31.18
CA ARG B 106 1.22 -16.75 30.39
C ARG B 106 -0.29 -16.94 30.75
N ARG B 107 -0.62 -16.97 32.03
CA ARG B 107 -2.07 -17.20 32.42
C ARG B 107 -2.89 -16.03 31.94
N PHE B 108 -2.38 -14.82 32.16
CA PHE B 108 -3.10 -13.64 31.71
C PHE B 108 -3.38 -13.71 30.20
N SER B 109 -2.33 -14.02 29.43
CA SER B 109 -2.47 -13.93 27.96
C SER B 109 -3.45 -15.00 27.44
N VAL B 110 -3.26 -16.22 27.90
CA VAL B 110 -4.17 -17.34 27.53
C VAL B 110 -5.64 -16.98 27.86
N THR B 111 -5.89 -16.56 29.07
CA THR B 111 -7.20 -16.20 29.54
C THR B 111 -7.83 -15.04 28.78
N THR B 112 -7.04 -14.05 28.44
CA THR B 112 -7.59 -12.88 27.80
C THR B 112 -7.64 -13.07 26.33
N MET B 113 -6.82 -13.93 25.80
CA MET B 113 -6.94 -14.15 24.42
C MET B 113 -8.38 -14.78 24.35
N ARG B 114 -8.62 -15.84 25.10
CA ARG B 114 -9.87 -16.60 25.03
C ARG B 114 -11.15 -15.87 25.25
N ASP B 115 -11.21 -15.13 26.32
CA ASP B 115 -12.43 -14.59 26.78
C ASP B 115 -12.55 -13.10 26.50
N LYS B 120 -19.11 -10.09 22.59
CA LYS B 120 -17.86 -10.20 21.86
C LYS B 120 -17.93 -11.32 20.83
N ARG B 121 -17.34 -11.08 19.66
CA ARG B 121 -17.34 -12.05 18.58
C ARG B 121 -16.38 -13.19 18.88
N SER B 122 -16.72 -14.38 18.39
CA SER B 122 -15.90 -15.55 18.60
C SER B 122 -14.63 -15.22 17.67
N VAL B 123 -13.51 -15.85 17.95
CA VAL B 123 -12.32 -15.84 17.10
C VAL B 123 -12.79 -16.23 15.68
N GLU B 124 -13.65 -17.27 15.61
CA GLU B 124 -14.05 -17.79 14.31
C GLU B 124 -14.72 -16.71 13.48
N GLU B 125 -15.63 -15.97 14.14
CA GLU B 125 -16.36 -14.92 13.44
C GLU B 125 -15.43 -13.82 12.95
N ARG B 126 -14.46 -13.45 13.78
CA ARG B 126 -13.43 -12.41 13.44
C ARG B 126 -12.64 -12.84 12.18
N ILE B 127 -12.27 -14.11 12.10
CA ILE B 127 -11.46 -14.61 10.94
C ILE B 127 -12.34 -14.70 9.68
N GLN B 128 -13.57 -15.17 9.88
CA GLN B 128 -14.48 -15.23 8.77
C GLN B 128 -14.71 -13.84 8.22
N GLU B 129 -14.90 -12.84 9.07
CA GLU B 129 -15.09 -11.49 8.54
C GLU B 129 -13.82 -11.00 7.85
N GLU B 130 -12.67 -11.18 8.51
CA GLU B 130 -11.42 -10.76 7.84
C GLU B 130 -11.23 -11.45 6.47
N ALA B 131 -11.63 -12.72 6.40
CA ALA B 131 -11.48 -13.46 5.11
C ALA B 131 -12.39 -12.84 4.04
N GLN B 132 -13.61 -12.42 4.40
CA GLN B 132 -14.45 -11.72 3.40
C GLN B 132 -13.82 -10.38 3.00
N CYS B 133 -13.23 -9.65 3.96
CA CYS B 133 -12.56 -8.40 3.52
C CYS B 133 -11.43 -8.74 2.55
N LEU B 134 -10.70 -9.82 2.85
CA LEU B 134 -9.61 -10.18 1.99
C LEU B 134 -10.09 -10.55 0.56
N ILE B 135 -11.14 -11.35 0.45
CA ILE B 135 -11.65 -11.80 -0.87
C ILE B 135 -12.11 -10.53 -1.61
N GLU B 136 -12.77 -9.62 -0.88
CA GLU B 136 -13.12 -8.33 -1.54
C GLU B 136 -11.85 -7.62 -2.08
N GLU B 137 -10.77 -7.55 -1.28
CA GLU B 137 -9.53 -6.88 -1.74
C GLU B 137 -8.97 -7.61 -2.96
N LEU B 138 -8.93 -8.95 -2.90
CA LEU B 138 -8.42 -9.73 -4.04
C LEU B 138 -9.30 -9.55 -5.28
N ARG B 139 -10.62 -9.50 -5.11
CA ARG B 139 -11.50 -9.13 -6.28
C ARG B 139 -11.11 -7.80 -6.92
N LYS B 140 -10.91 -6.80 -6.06
CA LYS B 140 -10.56 -5.44 -6.51
C LYS B 140 -9.18 -5.41 -7.11
N SER B 141 -8.38 -6.47 -6.91
CA SER B 141 -7.07 -6.41 -7.48
C SER B 141 -7.05 -6.85 -8.97
N LYS B 142 -8.15 -7.36 -9.44
CA LYS B 142 -8.35 -7.69 -10.84
C LYS B 142 -7.26 -8.54 -11.47
N GLY B 143 -6.87 -9.57 -10.78
CA GLY B 143 -5.88 -10.53 -11.27
C GLY B 143 -4.51 -9.93 -11.55
N ALA B 144 -4.18 -8.79 -10.92
CA ALA B 144 -2.84 -8.19 -11.05
C ALA B 144 -1.85 -9.11 -10.30
N LEU B 145 -0.59 -9.05 -10.73
CA LEU B 145 0.51 -9.68 -9.99
C LEU B 145 0.77 -8.90 -8.72
N MET B 146 1.15 -9.61 -7.67
CA MET B 146 1.50 -8.97 -6.44
C MET B 146 2.41 -9.94 -5.67
N ASP B 147 3.21 -9.39 -4.79
CA ASP B 147 3.80 -10.24 -3.75
C ASP B 147 2.73 -10.20 -2.64
N PRO B 148 2.19 -11.34 -2.24
CA PRO B 148 1.06 -11.34 -1.33
C PRO B 148 1.46 -11.16 0.14
N THR B 149 2.75 -10.98 0.44
CA THR B 149 3.19 -10.85 1.83
C THR B 149 2.35 -9.82 2.62
N PHE B 150 2.18 -8.61 2.10
CA PHE B 150 1.46 -7.55 2.87
C PHE B 150 0.06 -7.97 3.23
N LEU B 151 -0.66 -8.63 2.33
CA LEU B 151 -2.02 -9.05 2.72
C LEU B 151 -2.04 -10.20 3.63
N PHE B 152 -1.10 -11.17 3.44
CA PHE B 152 -1.07 -12.25 4.43
C PHE B 152 -0.78 -11.72 5.85
N GLN B 153 0.13 -10.76 5.94
CA GLN B 153 0.41 -10.06 7.24
C GLN B 153 -0.84 -9.28 7.73
N SER B 154 -1.50 -8.57 6.82
CA SER B 154 -2.66 -7.77 7.25
C SER B 154 -3.69 -8.59 7.88
N ILE B 155 -4.07 -9.70 7.23
CA ILE B 155 -5.14 -10.49 7.77
C ILE B 155 -4.82 -11.19 9.08
N THR B 156 -3.57 -11.65 9.24
CA THR B 156 -3.26 -12.32 10.48
C THR B 156 -3.09 -11.23 11.60
N ALA B 157 -2.43 -10.13 11.25
CA ALA B 157 -2.29 -9.02 12.23
C ALA B 157 -3.68 -8.56 12.72
N ASN B 158 -4.58 -8.40 11.77
CA ASN B 158 -5.96 -7.95 12.13
C ASN B 158 -6.71 -8.84 13.07
N ILE B 159 -6.42 -10.13 13.12
CA ILE B 159 -7.06 -10.99 14.08
C ILE B 159 -6.52 -10.65 15.50
N ILE B 160 -5.21 -10.60 15.62
CA ILE B 160 -4.66 -10.17 16.91
C ILE B 160 -5.05 -8.76 17.29
N CYS B 161 -5.07 -7.85 16.32
CA CYS B 161 -5.48 -6.48 16.57
C CYS B 161 -6.88 -6.45 17.12
N SER B 162 -7.75 -7.30 16.63
CA SER B 162 -9.15 -7.18 17.14
C SER B 162 -9.18 -7.56 18.63
N ILE B 163 -8.34 -8.51 19.05
CA ILE B 163 -8.35 -9.00 20.45
C ILE B 163 -7.60 -7.98 21.35
N VAL B 164 -6.49 -7.46 20.82
CA VAL B 164 -5.58 -6.65 21.62
C VAL B 164 -5.97 -5.18 21.65
N PHE B 165 -6.25 -4.62 20.48
CA PHE B 165 -6.63 -3.23 20.35
C PHE B 165 -8.09 -2.96 20.20
N GLY B 166 -8.92 -3.98 20.10
CA GLY B 166 -10.31 -3.73 19.86
C GLY B 166 -10.65 -3.16 18.48
N LYS B 167 -9.78 -3.33 17.49
CA LYS B 167 -10.11 -2.82 16.14
C LYS B 167 -9.27 -3.55 15.11
N ARG B 168 -9.63 -3.34 13.86
CA ARG B 168 -8.83 -3.87 12.73
C ARG B 168 -8.36 -2.68 11.91
N PHE B 169 -7.31 -2.86 11.10
CA PHE B 169 -6.79 -1.77 10.28
C PHE B 169 -7.07 -2.05 8.83
N HIS B 170 -7.20 -0.98 8.02
CA HIS B 170 -7.56 -1.10 6.59
C HIS B 170 -6.33 -1.46 5.84
N TYR B 171 -6.47 -2.31 4.83
CA TYR B 171 -5.38 -2.73 3.98
C TYR B 171 -4.68 -1.54 3.28
N GLN B 172 -5.42 -0.44 3.14
CA GLN B 172 -4.92 0.76 2.47
C GLN B 172 -4.16 1.70 3.37
N ASP B 173 -4.29 1.50 4.67
CA ASP B 173 -3.65 2.34 5.62
C ASP B 173 -2.09 2.21 5.59
N GLN B 174 -1.41 3.28 5.09
CA GLN B 174 0.08 3.33 4.97
C GLN B 174 0.79 3.23 6.31
N GLU B 175 0.19 3.68 7.37
CA GLU B 175 0.77 3.51 8.67
C GLU B 175 0.73 2.08 9.22
N PHE B 176 -0.35 1.36 8.97
CA PHE B 176 -0.45 -0.08 9.30
C PHE B 176 0.58 -0.77 8.47
N LEU B 177 0.58 -0.47 7.18
CA LEU B 177 1.57 -1.09 6.28
C LEU B 177 3.01 -0.88 6.74
N LYS B 178 3.30 0.31 7.23
CA LYS B 178 4.60 0.62 7.78
C LYS B 178 5.01 -0.36 8.94
N MET B 179 4.11 -0.60 9.90
CA MET B 179 4.34 -1.55 10.97
C MET B 179 4.56 -3.02 10.45
N LEU B 180 3.79 -3.42 9.46
CA LEU B 180 3.94 -4.73 8.86
C LEU B 180 5.29 -4.82 8.11
N ASN B 181 5.71 -3.79 7.39
CA ASN B 181 7.02 -3.80 6.84
C ASN B 181 8.09 -4.08 7.93
N LEU B 182 7.97 -3.39 9.03
CA LEU B 182 8.93 -3.61 10.17
C LEU B 182 8.91 -5.06 10.72
N PHE B 183 7.73 -5.67 10.88
CA PHE B 183 7.72 -7.14 11.26
C PHE B 183 8.43 -8.03 10.24
N TYR B 184 8.13 -7.79 8.97
CA TYR B 184 8.70 -8.55 7.88
C TYR B 184 10.23 -8.40 7.88
N GLN B 185 10.72 -7.14 7.86
CA GLN B 185 12.16 -6.93 7.84
C GLN B 185 12.82 -7.49 9.09
N THR B 186 12.16 -7.39 10.25
CA THR B 186 12.85 -7.71 11.48
C THR B 186 13.03 -9.25 11.52
N PHE B 187 11.99 -10.00 11.19
CA PHE B 187 12.03 -11.46 11.22
C PHE B 187 13.12 -11.94 10.27
N SER B 188 13.19 -11.30 9.12
CA SER B 188 14.28 -11.59 8.12
C SER B 188 15.70 -11.35 8.69
N LEU B 189 15.89 -10.19 9.31
CA LEU B 189 17.23 -9.83 9.83
C LEU B 189 17.60 -10.74 10.99
N ILE B 190 16.64 -11.06 11.85
CA ILE B 190 16.95 -12.02 12.94
C ILE B 190 17.44 -13.37 12.38
N SER B 191 16.86 -13.74 11.26
CA SER B 191 17.06 -15.07 10.62
C SER B 191 18.27 -15.11 9.70
N SER B 192 18.86 -13.95 9.37
CA SER B 192 20.00 -13.82 8.37
C SER B 192 21.24 -14.49 8.90
N VAL B 193 22.25 -14.58 8.02
CA VAL B 193 23.52 -15.14 8.47
C VAL B 193 24.12 -14.29 9.61
N PHE B 194 24.02 -12.95 9.50
CA PHE B 194 24.49 -12.10 10.57
C PHE B 194 23.80 -12.43 11.87
N GLY B 195 22.47 -12.61 11.84
CA GLY B 195 21.75 -12.86 13.10
C GLY B 195 22.18 -14.17 13.75
N GLN B 196 22.58 -15.15 12.91
CA GLN B 196 23.08 -16.41 13.43
C GLN B 196 24.49 -16.23 14.03
N LEU B 197 25.32 -15.45 13.32
CA LEU B 197 26.65 -15.13 13.82
C LEU B 197 26.60 -14.34 15.17
N PHE B 198 25.63 -13.44 15.27
CA PHE B 198 25.37 -12.70 16.50
C PHE B 198 24.99 -13.57 17.68
N GLU B 199 24.30 -14.67 17.41
CA GLU B 199 23.99 -15.63 18.43
C GLU B 199 25.27 -16.21 19.01
N LEU B 200 26.28 -16.45 18.20
CA LEU B 200 27.57 -16.94 18.73
C LEU B 200 28.44 -15.82 19.42
N PHE B 201 28.48 -14.61 18.83
CA PHE B 201 29.49 -13.58 19.18
C PHE B 201 28.93 -12.21 19.55
N SER B 202 27.71 -12.22 20.09
CA SER B 202 27.08 -10.96 20.46
C SER B 202 27.96 -10.14 21.41
N GLY B 203 28.58 -10.80 22.39
CA GLY B 203 29.55 -10.10 23.31
C GLY B 203 30.53 -9.18 22.58
N PHE B 204 30.99 -9.60 21.40
CA PHE B 204 31.92 -8.86 20.56
C PHE B 204 31.25 -8.00 19.49
N LEU B 205 30.38 -8.63 18.67
CA LEU B 205 29.76 -7.91 17.59
C LEU B 205 28.88 -6.77 18.03
N LYS B 206 28.40 -6.76 19.28
CA LYS B 206 27.42 -5.74 19.65
C LYS B 206 28.02 -4.30 19.59
N HIS B 207 29.36 -4.23 19.73
CA HIS B 207 30.09 -2.93 19.73
C HIS B 207 30.22 -2.30 18.35
N PHE B 208 29.96 -3.10 17.30
CA PHE B 208 30.09 -2.62 15.92
C PHE B 208 28.72 -2.36 15.27
N PRO B 209 28.70 -1.64 14.10
CA PRO B 209 27.44 -1.53 13.35
C PRO B 209 26.96 -2.90 12.93
N GLY B 210 25.66 -3.01 12.71
CA GLY B 210 25.15 -4.26 12.23
C GLY B 210 23.65 -4.36 12.41
N ALA B 211 23.17 -5.51 11.99
CA ALA B 211 21.72 -5.72 11.82
C ALA B 211 21.08 -5.80 13.17
N HIS B 212 21.85 -6.12 14.25
CA HIS B 212 21.28 -6.07 15.61
C HIS B 212 20.76 -4.65 15.97
N ARG B 213 21.46 -3.64 15.42
CA ARG B 213 21.05 -2.21 15.63
C ARG B 213 19.78 -1.91 14.85
N GLN B 214 19.67 -2.37 13.61
CA GLN B 214 18.45 -2.17 12.84
C GLN B 214 17.22 -2.86 13.53
N VAL B 215 17.40 -4.12 13.97
CA VAL B 215 16.33 -4.83 14.70
C VAL B 215 15.86 -4.05 15.93
N TYR B 216 16.80 -3.59 16.75
CA TYR B 216 16.46 -2.85 17.93
C TYR B 216 15.59 -1.61 17.58
N LYS B 217 16.05 -0.87 16.62
CA LYS B 217 15.32 0.31 16.15
C LYS B 217 13.90 0.03 15.63
N ASN B 218 13.79 -1.05 14.83
CA ASN B 218 12.47 -1.47 14.28
C ASN B 218 11.54 -1.82 15.43
N LEU B 219 12.02 -2.61 16.40
CA LEU B 219 11.17 -2.99 17.52
C LEU B 219 10.77 -1.75 18.34
N GLN B 220 11.68 -0.79 18.53
CA GLN B 220 11.28 0.43 19.29
C GLN B 220 10.19 1.26 18.53
N GLU B 221 10.27 1.25 17.19
CA GLU B 221 9.28 1.96 16.40
C GLU B 221 7.92 1.31 16.56
N ILE B 222 7.89 -0.03 16.57
CA ILE B 222 6.60 -0.69 16.74
C ILE B 222 6.10 -0.42 18.18
N ASN B 223 7.02 -0.48 19.13
CA ASN B 223 6.67 -0.33 20.56
C ASN B 223 6.11 1.13 20.83
N ALA B 224 6.64 2.12 20.11
CA ALA B 224 6.17 3.53 20.22
C ALA B 224 4.66 3.52 19.91
N TYR B 225 4.23 2.83 18.85
CA TYR B 225 2.74 2.71 18.69
C TYR B 225 1.94 2.11 19.84
N ILE B 226 2.45 0.97 20.35
CA ILE B 226 1.79 0.33 21.44
C ILE B 226 1.73 1.30 22.64
N GLY B 227 2.80 2.00 22.93
CA GLY B 227 2.79 2.91 24.11
C GLY B 227 1.65 3.97 23.98
N HIS B 228 1.51 4.53 22.79
CA HIS B 228 0.43 5.49 22.46
C HIS B 228 -0.98 4.89 22.63
N SER B 229 -1.19 3.71 22.05
CA SER B 229 -2.45 3.05 22.19
C SER B 229 -2.72 2.77 23.67
N VAL B 230 -1.73 2.36 24.44
CA VAL B 230 -1.96 2.16 25.87
C VAL B 230 -2.46 3.47 26.55
N GLU B 231 -1.82 4.56 26.18
CA GLU B 231 -2.16 5.93 26.67
C GLU B 231 -3.63 6.26 26.36
N LYS B 232 -4.05 6.06 25.11
CA LYS B 232 -5.44 6.35 24.66
C LYS B 232 -6.46 5.41 25.30
N HIS B 233 -6.00 4.20 25.65
CA HIS B 233 -6.84 3.25 26.30
C HIS B 233 -7.02 3.68 27.75
N ARG B 234 -5.94 4.09 28.41
CA ARG B 234 -6.13 4.43 29.83
C ARG B 234 -7.05 5.67 29.99
N GLU B 235 -6.99 6.56 29.01
CA GLU B 235 -7.82 7.76 28.93
C GLU B 235 -9.28 7.44 28.75
N THR B 236 -9.60 6.38 28.02
CA THR B 236 -10.97 6.06 27.75
C THR B 236 -11.44 4.81 28.48
N LEU B 237 -10.59 4.23 29.31
CA LEU B 237 -10.96 3.00 30.04
C LEU B 237 -12.25 3.15 30.85
N ASP B 238 -13.17 2.20 30.68
CA ASP B 238 -14.34 2.12 31.53
C ASP B 238 -14.26 0.83 32.30
N PRO B 239 -13.97 0.88 33.64
CA PRO B 239 -13.75 -0.32 34.44
C PRO B 239 -14.89 -1.31 34.43
N SER B 240 -16.10 -0.86 34.10
CA SER B 240 -17.27 -1.77 34.06
C SER B 240 -17.40 -2.48 32.70
N ALA B 241 -16.70 -2.00 31.67
CA ALA B 241 -16.75 -2.68 30.38
C ALA B 241 -15.40 -2.57 29.64
N PRO B 242 -14.44 -3.41 30.02
CA PRO B 242 -13.19 -3.47 29.26
C PRO B 242 -13.47 -3.86 27.80
N ARG B 243 -12.81 -3.20 26.86
CA ARG B 243 -13.06 -3.46 25.43
C ARG B 243 -12.19 -4.56 24.80
N ASP B 244 -11.03 -4.86 25.42
CA ASP B 244 -9.98 -5.63 24.74
C ASP B 244 -8.93 -5.97 25.77
N LEU B 245 -7.86 -6.58 25.26
CA LEU B 245 -6.88 -7.15 26.15
C LEU B 245 -6.09 -6.01 26.86
N ILE B 246 -5.86 -4.89 26.17
CA ILE B 246 -5.17 -3.77 26.85
C ILE B 246 -5.98 -3.25 28.08
N ASP B 247 -7.29 -3.04 27.92
CA ASP B 247 -8.16 -2.64 29.03
C ASP B 247 -8.11 -3.62 30.19
N THR B 248 -8.10 -4.92 29.88
CA THR B 248 -8.16 -5.94 30.90
C THR B 248 -6.86 -5.90 31.68
N TYR B 249 -5.75 -5.74 30.98
CA TYR B 249 -4.46 -5.68 31.68
C TYR B 249 -4.41 -4.41 32.61
N LEU B 250 -4.86 -3.24 32.07
CA LEU B 250 -4.99 -2.01 32.89
C LEU B 250 -5.77 -2.14 34.16
N LEU B 251 -6.82 -2.94 34.12
CA LEU B 251 -7.65 -3.20 35.31
C LEU B 251 -6.88 -4.08 36.31
N HIS B 252 -6.08 -5.04 35.82
CA HIS B 252 -5.14 -5.79 36.73
C HIS B 252 -4.07 -4.88 37.32
N MET B 253 -3.55 -4.00 36.50
CA MET B 253 -2.48 -3.08 36.95
C MET B 253 -3.04 -2.20 38.12
N GLU B 254 -4.26 -1.69 37.93
CA GLU B 254 -4.98 -0.95 39.00
C GLU B 254 -5.23 -1.78 40.25
N LYS B 255 -5.69 -3.00 40.11
CA LYS B 255 -5.87 -3.84 41.26
C LYS B 255 -4.54 -4.11 42.05
N GLU B 256 -3.42 -4.20 41.35
CA GLU B 256 -2.18 -4.56 42.04
C GLU B 256 -1.29 -3.36 42.32
N LYS B 257 -1.83 -2.15 42.17
CA LYS B 257 -1.01 -0.98 42.26
C LYS B 257 -0.25 -0.74 43.57
N SER B 258 -0.72 -1.31 44.68
CA SER B 258 -0.02 -1.04 45.95
C SER B 258 1.19 -1.98 46.09
N ASN B 259 1.36 -2.90 45.12
CA ASN B 259 2.48 -3.83 45.12
C ASN B 259 3.56 -3.34 44.14
N ALA B 260 4.64 -2.79 44.68
CA ALA B 260 5.76 -2.30 43.79
C ALA B 260 6.30 -3.38 42.86
N HIS B 261 6.13 -4.64 43.29
CA HIS B 261 6.64 -5.80 42.55
C HIS B 261 5.64 -6.47 41.61
N SER B 262 4.48 -5.85 41.43
CA SER B 262 3.48 -6.40 40.52
C SER B 262 4.12 -6.65 39.14
N GLU B 263 3.75 -7.79 38.57
CA GLU B 263 4.18 -8.14 37.19
C GLU B 263 3.33 -7.36 36.19
N PHE B 264 2.20 -6.78 36.65
CA PHE B 264 1.38 -6.00 35.73
C PHE B 264 1.96 -4.64 35.59
N SER B 265 3.17 -4.62 35.08
CA SER B 265 3.87 -3.35 34.83
C SER B 265 3.69 -2.77 33.47
N HIS B 266 4.10 -1.52 33.28
CA HIS B 266 4.00 -0.93 31.94
C HIS B 266 4.97 -1.52 30.95
N GLN B 267 6.17 -1.88 31.42
CA GLN B 267 7.13 -2.54 30.52
C GLN B 267 6.59 -3.94 30.10
N ASN B 268 6.00 -4.67 31.03
CA ASN B 268 5.35 -5.96 30.66
C ASN B 268 4.16 -5.70 29.76
N LEU B 269 3.50 -4.59 29.98
CA LEU B 269 2.30 -4.34 29.11
C LEU B 269 2.77 -4.09 27.66
N ASN B 270 3.68 -3.17 27.50
CA ASN B 270 4.13 -2.84 26.15
C ASN B 270 4.75 -4.10 25.47
N LEU B 271 5.65 -4.78 26.18
CA LEU B 271 6.41 -5.87 25.52
C LEU B 271 5.64 -7.14 25.41
N ASN B 272 4.74 -7.37 26.36
CA ASN B 272 3.82 -8.48 26.17
C ASN B 272 2.96 -8.28 24.91
N THR B 273 2.48 -7.07 24.73
CA THR B 273 1.62 -6.72 23.63
C THR B 273 2.38 -6.84 22.30
N LEU B 274 3.55 -6.26 22.24
CA LEU B 274 4.39 -6.39 21.10
C LEU B 274 4.64 -7.87 20.81
N SER B 275 4.85 -8.68 21.83
CA SER B 275 5.15 -10.08 21.66
C SER B 275 3.99 -10.80 20.94
N LEU B 276 2.80 -10.60 21.48
CA LEU B 276 1.61 -11.20 20.92
C LEU B 276 1.38 -10.80 19.47
N PHE B 277 1.59 -9.55 19.18
CA PHE B 277 1.44 -9.02 17.87
C PHE B 277 2.37 -9.52 16.86
N PHE B 278 3.61 -9.62 17.26
CA PHE B 278 4.65 -10.05 16.41
C PHE B 278 4.43 -11.51 16.13
N ALA B 279 4.44 -12.33 17.17
CA ALA B 279 4.14 -13.73 17.05
C ALA B 279 2.80 -14.05 16.37
N GLY B 280 1.75 -13.30 16.65
CA GLY B 280 0.46 -13.50 16.03
C GLY B 280 0.39 -13.19 14.53
N THR B 281 1.29 -12.33 14.09
CA THR B 281 1.31 -11.86 12.73
C THR B 281 2.30 -12.65 11.87
N GLU B 282 3.56 -12.68 12.29
CA GLU B 282 4.60 -13.02 11.34
C GLU B 282 4.71 -14.59 11.08
N THR B 283 4.24 -15.37 12.06
CA THR B 283 4.34 -16.84 12.03
C THR B 283 3.32 -17.31 10.96
N THR B 284 2.07 -17.05 11.22
CA THR B 284 1.00 -17.43 10.30
C THR B 284 1.13 -16.82 8.95
N SER B 285 1.58 -15.58 8.86
CA SER B 285 1.69 -14.96 7.50
C SER B 285 2.83 -15.67 6.72
N THR B 286 3.91 -15.98 7.40
CA THR B 286 5.03 -16.71 6.73
C THR B 286 4.59 -18.09 6.20
N THR B 287 3.84 -18.81 7.03
CA THR B 287 3.30 -20.14 6.64
C THR B 287 2.38 -19.96 5.39
N LEU B 288 1.50 -18.93 5.40
CA LEU B 288 0.69 -18.66 4.18
C LEU B 288 1.50 -18.37 2.97
N ARG B 289 2.55 -17.54 3.12
CA ARG B 289 3.42 -17.22 2.02
C ARG B 289 4.00 -18.53 1.45
N TYR B 290 4.48 -19.41 2.29
CA TYR B 290 5.03 -20.70 1.83
C TYR B 290 3.93 -21.53 1.18
N GLY B 291 2.79 -21.56 1.83
CA GLY B 291 1.67 -22.33 1.35
C GLY B 291 1.27 -21.96 -0.08
N PHE B 292 1.12 -20.65 -0.38
CA PHE B 292 0.77 -20.29 -1.81
C PHE B 292 1.89 -20.47 -2.82
N LEU B 293 3.13 -20.30 -2.36
CA LEU B 293 4.26 -20.70 -3.23
C LEU B 293 4.18 -22.22 -3.61
N LEU B 294 3.88 -23.05 -2.62
CA LEU B 294 3.68 -24.49 -2.81
C LEU B 294 2.50 -24.79 -3.72
N MET B 295 1.40 -24.00 -3.60
CA MET B 295 0.27 -24.16 -4.60
C MET B 295 0.64 -23.80 -6.01
N LEU B 296 1.55 -22.82 -6.18
CA LEU B 296 2.02 -22.43 -7.50
C LEU B 296 2.92 -23.54 -8.10
N LYS B 297 3.78 -24.10 -7.29
CA LYS B 297 4.58 -25.24 -7.76
C LYS B 297 3.82 -26.57 -7.93
N TYR B 298 2.81 -26.85 -7.10
CA TYR B 298 2.02 -28.06 -7.18
C TYR B 298 0.53 -27.75 -7.45
N PRO B 299 0.20 -27.28 -8.67
CA PRO B 299 -1.16 -26.83 -8.94
C PRO B 299 -2.18 -27.98 -8.85
N HIS B 300 -1.74 -29.25 -9.07
CA HIS B 300 -2.66 -30.34 -8.92
C HIS B 300 -3.14 -30.45 -7.50
N VAL B 301 -2.32 -30.07 -6.52
CA VAL B 301 -2.80 -30.10 -5.13
C VAL B 301 -3.88 -29.00 -4.93
N ALA B 302 -3.64 -27.80 -5.46
CA ALA B 302 -4.58 -26.65 -5.32
C ALA B 302 -5.91 -27.08 -6.00
N GLU B 303 -5.80 -27.77 -7.15
CA GLU B 303 -7.02 -28.21 -7.88
C GLU B 303 -7.79 -29.22 -7.06
N ARG B 304 -7.11 -30.20 -6.43
CA ARG B 304 -7.78 -31.12 -5.55
C ARG B 304 -8.43 -30.52 -4.30
N VAL B 305 -7.73 -29.59 -3.65
CA VAL B 305 -8.41 -28.88 -2.56
C VAL B 305 -9.61 -28.18 -3.15
N TYR B 306 -9.45 -27.56 -4.29
CA TYR B 306 -10.64 -26.82 -4.73
C TYR B 306 -11.84 -27.80 -4.95
N ARG B 307 -11.54 -28.98 -5.50
CA ARG B 307 -12.55 -30.00 -5.73
C ARG B 307 -13.26 -30.34 -4.42
N GLU B 308 -12.48 -30.51 -3.36
CA GLU B 308 -13.05 -30.77 -2.07
C GLU B 308 -13.88 -29.60 -1.51
N ILE B 309 -13.43 -28.35 -1.71
CA ILE B 309 -14.23 -27.21 -1.25
C ILE B 309 -15.60 -27.25 -2.02
N GLU B 310 -15.57 -27.46 -3.33
CA GLU B 310 -16.88 -27.47 -4.09
C GLU B 310 -17.80 -28.52 -3.52
N GLN B 311 -17.28 -29.71 -3.24
CA GLN B 311 -18.10 -30.85 -2.88
C GLN B 311 -18.55 -30.76 -1.45
N VAL B 312 -17.73 -30.13 -0.59
CA VAL B 312 -18.15 -30.07 0.83
C VAL B 312 -18.83 -28.74 1.19
N ILE B 313 -18.29 -27.63 0.67
CA ILE B 313 -18.78 -26.30 1.00
C ILE B 313 -19.68 -25.69 -0.11
N GLY B 314 -19.24 -25.81 -1.35
CA GLY B 314 -19.84 -25.20 -2.51
C GLY B 314 -19.26 -23.83 -2.70
N PRO B 315 -19.72 -23.10 -3.72
CA PRO B 315 -19.12 -21.84 -4.18
C PRO B 315 -19.51 -20.55 -3.48
N HIS B 316 -20.52 -20.57 -2.64
CA HIS B 316 -20.99 -19.34 -2.02
C HIS B 316 -20.92 -19.26 -0.50
N ARG B 317 -21.32 -20.30 0.20
CA ARG B 317 -21.32 -20.25 1.66
C ARG B 317 -19.91 -20.15 2.22
N PRO B 318 -19.66 -19.19 3.10
CA PRO B 318 -18.29 -19.07 3.68
C PRO B 318 -17.86 -20.32 4.40
N PRO B 319 -16.58 -20.73 4.21
CA PRO B 319 -16.07 -21.81 5.01
C PRO B 319 -16.22 -21.50 6.49
N GLU B 320 -16.35 -22.53 7.29
CA GLU B 320 -16.51 -22.42 8.76
C GLU B 320 -15.63 -23.51 9.38
N LEU B 321 -15.28 -23.45 10.70
CA LEU B 321 -14.44 -24.48 11.31
C LEU B 321 -15.07 -25.88 11.33
N HIS B 322 -16.39 -25.90 11.47
CA HIS B 322 -17.10 -27.20 11.41
C HIS B 322 -16.83 -27.93 10.09
N ASP B 323 -16.45 -27.20 9.02
CA ASP B 323 -16.07 -27.85 7.77
C ASP B 323 -14.80 -28.70 7.84
N ARG B 324 -13.93 -28.49 8.85
CA ARG B 324 -12.61 -29.21 8.87
C ARG B 324 -12.76 -30.72 8.86
N ALA B 325 -13.61 -31.20 9.75
CA ALA B 325 -13.94 -32.65 9.87
C ALA B 325 -14.28 -33.33 8.58
N LYS B 326 -14.97 -32.64 7.68
CA LYS B 326 -15.31 -33.19 6.34
C LYS B 326 -14.32 -32.95 5.23
N MET B 327 -13.17 -32.31 5.55
CA MET B 327 -12.25 -31.93 4.51
C MET B 327 -10.86 -32.47 4.88
N PRO B 328 -10.72 -33.81 4.96
CA PRO B 328 -9.41 -34.40 5.25
C PRO B 328 -8.32 -34.02 4.24
N TYR B 329 -8.66 -33.85 2.97
CA TYR B 329 -7.63 -33.58 2.03
C TYR B 329 -7.02 -32.16 2.28
N THR B 330 -7.91 -31.20 2.40
CA THR B 330 -7.53 -29.83 2.74
C THR B 330 -6.74 -29.78 4.10
N GLU B 331 -7.21 -30.48 5.15
CA GLU B 331 -6.49 -30.42 6.42
C GLU B 331 -5.10 -31.04 6.23
N ALA B 332 -5.03 -32.14 5.46
CA ALA B 332 -3.74 -32.79 5.13
C ALA B 332 -2.80 -31.83 4.42
N VAL B 333 -3.33 -31.05 3.48
CA VAL B 333 -2.50 -30.11 2.70
C VAL B 333 -1.92 -29.04 3.68
N ILE B 334 -2.76 -28.55 4.58
CA ILE B 334 -2.29 -27.52 5.54
C ILE B 334 -1.29 -28.14 6.52
N TYR B 335 -1.53 -29.36 6.99
CA TYR B 335 -0.53 -29.97 7.87
C TYR B 335 0.80 -30.05 7.10
N GLU B 336 0.72 -30.46 5.86
CA GLU B 336 1.92 -30.61 5.07
C GLU B 336 2.63 -29.29 4.75
N ILE B 337 1.84 -28.26 4.51
CA ILE B 337 2.43 -26.92 4.38
C ILE B 337 3.25 -26.57 5.67
N GLN B 338 2.64 -26.80 6.84
CA GLN B 338 3.30 -26.47 8.15
C GLN B 338 4.55 -27.34 8.33
N ARG B 339 4.46 -28.63 7.96
CA ARG B 339 5.59 -29.54 8.17
C ARG B 339 6.75 -29.17 7.26
N PHE B 340 6.46 -28.97 5.96
CA PHE B 340 7.43 -28.64 4.96
C PHE B 340 8.05 -27.23 5.22
N SER B 341 7.19 -26.28 5.54
CA SER B 341 7.68 -24.93 5.67
C SER B 341 8.48 -24.75 6.96
N ASP B 342 8.26 -25.57 7.99
CA ASP B 342 9.28 -25.72 9.13
C ASP B 342 9.64 -24.30 9.63
N LEU B 343 8.62 -23.55 10.04
CA LEU B 343 8.73 -22.10 10.35
C LEU B 343 9.95 -21.76 11.29
N LEU B 344 10.06 -22.50 12.38
CA LEU B 344 11.05 -22.29 13.42
C LEU B 344 11.85 -23.62 13.59
N PRO B 345 12.86 -23.83 12.75
CA PRO B 345 13.50 -25.15 12.65
C PRO B 345 14.16 -25.56 13.97
N MET B 346 14.59 -24.56 14.77
CA MET B 346 15.22 -24.85 16.05
C MET B 346 14.33 -24.44 17.18
N GLY B 347 13.05 -24.28 16.86
CA GLY B 347 12.06 -23.77 17.82
C GLY B 347 12.51 -22.42 18.45
N VAL B 348 12.20 -22.21 19.75
CA VAL B 348 12.59 -20.99 20.51
C VAL B 348 13.48 -21.53 21.63
N PRO B 349 14.65 -20.90 21.89
CA PRO B 349 15.61 -21.53 22.85
C PRO B 349 14.95 -21.76 24.20
N HIS B 350 15.32 -22.85 24.88
CA HIS B 350 14.88 -23.10 26.25
C HIS B 350 16.12 -23.03 27.15
N ILE B 351 15.93 -23.11 28.44
CA ILE B 351 17.01 -23.29 29.36
C ILE B 351 16.55 -24.21 30.44
N VAL B 352 17.44 -25.00 31.01
CA VAL B 352 16.97 -25.85 32.07
C VAL B 352 17.02 -25.01 33.39
N THR B 353 16.01 -25.22 34.21
CA THR B 353 15.76 -24.39 35.39
C THR B 353 16.34 -25.04 36.69
N GLN B 354 16.86 -26.26 36.58
CA GLN B 354 17.39 -27.05 37.71
C GLN B 354 18.34 -28.09 37.15
N HIS B 355 19.34 -28.55 37.94
CA HIS B 355 20.28 -29.60 37.47
C HIS B 355 19.41 -30.79 37.08
N THR B 356 19.58 -31.34 35.88
CA THR B 356 18.67 -32.41 35.47
C THR B 356 19.51 -33.53 34.86
N SER B 357 19.03 -34.76 34.99
CA SER B 357 19.73 -35.84 34.33
C SER B 357 18.90 -36.13 33.10
N PHE B 358 19.59 -36.40 32.01
CA PHE B 358 18.91 -36.66 30.77
C PHE B 358 19.64 -37.74 30.01
N ARG B 359 19.05 -38.94 29.88
CA ARG B 359 19.71 -40.03 29.13
C ARG B 359 21.14 -40.22 29.61
N GLY B 360 21.33 -40.14 30.92
CA GLY B 360 22.61 -40.45 31.57
C GLY B 360 23.59 -39.31 31.51
N TYR B 361 23.15 -38.14 31.01
CA TYR B 361 23.97 -36.97 31.06
C TYR B 361 23.52 -36.08 32.19
N ILE B 362 24.34 -35.12 32.56
CA ILE B 362 23.86 -34.21 33.60
C ILE B 362 23.83 -32.88 32.94
N ILE B 363 22.67 -32.24 32.94
CA ILE B 363 22.65 -30.92 32.33
C ILE B 363 22.48 -29.89 33.47
N PRO B 364 23.44 -29.00 33.62
CA PRO B 364 23.40 -28.15 34.83
C PRO B 364 22.35 -27.03 34.64
N LYS B 365 21.81 -26.58 35.78
CA LYS B 365 20.99 -25.39 35.85
C LYS B 365 21.50 -24.26 34.95
N ASP B 366 20.56 -23.70 34.19
CA ASP B 366 20.80 -22.54 33.31
C ASP B 366 21.47 -22.86 31.98
N THR B 367 21.64 -24.14 31.64
CA THR B 367 22.23 -24.42 30.36
C THR B 367 21.08 -24.20 29.34
N GLU B 368 21.43 -23.65 28.23
CA GLU B 368 20.52 -23.40 27.13
C GLU B 368 20.31 -24.75 26.41
N VAL B 369 19.07 -24.98 25.97
CA VAL B 369 18.68 -26.22 25.25
C VAL B 369 17.91 -25.75 23.97
N PHE B 370 18.32 -26.23 22.78
CA PHE B 370 17.53 -26.01 21.58
C PHE B 370 16.79 -27.38 21.29
N LEU B 371 15.46 -27.32 21.14
CA LEU B 371 14.73 -28.48 20.66
C LEU B 371 14.64 -28.34 19.16
N ILE B 372 15.25 -29.26 18.44
CA ILE B 372 15.43 -29.05 16.98
C ILE B 372 14.16 -29.66 16.31
N LEU B 373 13.06 -28.90 16.36
CA LEU B 373 11.76 -29.31 15.85
C LEU B 373 11.84 -29.77 14.39
N SER B 374 12.77 -29.20 13.64
CA SER B 374 12.92 -29.58 12.22
C SER B 374 13.19 -31.10 12.05
N THR B 375 13.97 -31.64 13.00
CA THR B 375 14.24 -33.07 12.95
C THR B 375 13.01 -33.98 13.22
N ALA B 376 12.02 -33.49 13.98
CA ALA B 376 10.78 -34.21 14.11
C ALA B 376 9.95 -34.07 12.85
N LEU B 377 9.89 -32.85 12.32
CA LEU B 377 9.11 -32.56 11.08
C LEU B 377 9.65 -33.29 9.87
N HIS B 378 10.95 -33.65 9.89
CA HIS B 378 11.56 -34.39 8.78
C HIS B 378 11.95 -35.80 9.15
N ASP B 379 11.27 -36.38 10.10
CA ASP B 379 11.66 -37.71 10.55
C ASP B 379 11.23 -38.72 9.47
N PRO B 380 12.23 -39.48 8.93
CA PRO B 380 11.92 -40.40 7.82
C PRO B 380 11.12 -41.63 8.23
N HIS B 381 10.96 -41.93 9.51
CA HIS B 381 10.11 -43.06 9.99
C HIS B 381 8.67 -42.65 9.96
N TYR B 382 8.41 -41.38 10.26
CA TYR B 382 7.05 -40.88 10.14
C TYR B 382 6.65 -40.32 8.80
N PHE B 383 7.59 -39.85 8.02
CA PHE B 383 7.26 -39.25 6.74
C PHE B 383 8.12 -39.87 5.66
N GLU B 384 7.57 -40.59 4.73
CA GLU B 384 8.39 -41.18 3.67
C GLU B 384 8.89 -40.08 2.78
N LYS B 385 10.11 -40.06 2.32
CA LYS B 385 10.40 -38.81 1.53
C LYS B 385 10.15 -37.41 2.26
N PRO B 386 10.80 -37.20 3.41
CA PRO B 386 10.56 -35.95 4.18
C PRO B 386 10.99 -34.67 3.50
N ASP B 387 11.85 -34.68 2.50
CA ASP B 387 12.24 -33.42 1.91
C ASP B 387 11.29 -32.96 0.81
N ALA B 388 10.28 -33.75 0.50
CA ALA B 388 9.34 -33.41 -0.61
C ALA B 388 8.02 -32.88 0.01
N PHE B 389 7.34 -31.99 -0.72
CA PHE B 389 6.00 -31.57 -0.31
C PHE B 389 5.01 -32.64 -0.80
N ASN B 390 4.36 -33.32 0.12
CA ASN B 390 3.42 -34.32 -0.30
C ASN B 390 2.31 -34.41 0.69
N PRO B 391 1.09 -33.95 0.35
CA PRO B 391 0.01 -34.06 1.35
C PRO B 391 -0.30 -35.46 1.87
N ASP B 392 0.05 -36.49 1.07
CA ASP B 392 -0.19 -37.88 1.50
C ASP B 392 0.61 -38.22 2.76
N HIS B 393 1.58 -37.37 3.19
CA HIS B 393 2.20 -37.54 4.47
C HIS B 393 1.21 -37.49 5.56
N PHE B 394 0.06 -36.86 5.28
CA PHE B 394 -0.96 -36.80 6.33
C PHE B 394 -2.30 -37.48 5.97
N LEU B 395 -2.25 -38.45 5.06
CA LEU B 395 -3.47 -39.21 4.70
C LEU B 395 -3.19 -40.73 4.80
N ASP B 396 -4.21 -41.48 5.16
CA ASP B 396 -4.08 -42.98 5.16
C ASP B 396 -4.51 -43.52 3.81
N ALA B 397 -4.51 -44.85 3.67
CA ALA B 397 -4.83 -45.42 2.37
C ALA B 397 -6.25 -45.07 1.90
N ASN B 398 -7.17 -44.90 2.82
CA ASN B 398 -8.51 -44.49 2.48
C ASN B 398 -8.76 -42.98 2.27
N GLY B 399 -7.70 -42.19 2.32
CA GLY B 399 -7.81 -40.75 2.11
C GLY B 399 -8.40 -40.09 3.34
N ALA B 400 -8.34 -40.74 4.49
CA ALA B 400 -8.78 -40.10 5.72
C ALA B 400 -7.55 -39.38 6.34
N LEU B 401 -7.83 -38.37 7.18
CA LEU B 401 -6.76 -37.60 7.82
C LEU B 401 -5.92 -38.53 8.68
N LYS B 402 -4.59 -38.44 8.58
CA LYS B 402 -3.74 -39.28 9.48
C LYS B 402 -2.81 -38.35 10.29
N LYS B 403 -3.13 -38.08 11.55
CA LYS B 403 -2.32 -37.22 12.44
C LYS B 403 -1.17 -38.06 12.96
N THR B 404 -0.08 -37.38 13.30
CA THR B 404 1.13 -38.08 13.79
C THR B 404 1.74 -37.29 14.99
N GLU B 405 2.22 -37.98 16.03
CA GLU B 405 2.92 -37.30 17.10
C GLU B 405 4.26 -36.64 16.68
N ALA B 406 4.80 -36.94 15.49
CA ALA B 406 6.00 -36.20 14.97
C ALA B 406 5.65 -34.74 14.55
N PHE B 407 4.36 -34.46 14.34
CA PHE B 407 3.96 -33.14 13.85
C PHE B 407 3.96 -32.16 15.03
N ILE B 408 5.10 -31.53 15.30
CA ILE B 408 5.19 -30.64 16.49
C ILE B 408 5.69 -29.28 16.13
N PRO B 409 5.15 -28.63 15.04
CA PRO B 409 5.68 -27.31 14.61
C PRO B 409 5.40 -26.19 15.68
N PHE B 410 4.52 -26.45 16.64
CA PHE B 410 4.22 -25.55 17.78
C PHE B 410 4.98 -25.91 19.05
N SER B 411 5.86 -26.92 18.98
CA SER B 411 6.63 -27.43 20.13
C SER B 411 5.68 -28.15 21.09
N LEU B 412 6.11 -28.40 22.30
CA LEU B 412 5.33 -29.11 23.28
C LEU B 412 5.55 -28.54 24.70
N GLY B 413 4.74 -29.06 25.61
CA GLY B 413 4.93 -28.92 27.07
C GLY B 413 4.48 -27.53 27.50
N LYS B 414 5.16 -26.97 28.51
CA LYS B 414 4.65 -25.78 29.24
C LYS B 414 4.69 -24.50 28.40
N ARG B 415 5.71 -24.39 27.56
CA ARG B 415 5.84 -23.24 26.69
C ARG B 415 5.27 -23.50 25.30
N ILE B 416 4.43 -24.51 25.14
CA ILE B 416 3.84 -24.75 23.78
C ILE B 416 3.20 -23.49 23.27
N CYS B 417 3.23 -23.31 21.96
CA CYS B 417 2.67 -22.11 21.30
C CYS B 417 1.28 -21.82 21.92
N LEU B 418 1.07 -20.65 22.53
CA LEU B 418 -0.24 -20.37 23.08
C LEU B 418 -1.24 -19.98 21.99
N GLY B 419 -0.77 -19.71 20.77
CA GLY B 419 -1.63 -19.31 19.65
C GLY B 419 -1.97 -20.48 18.69
N GLU B 420 -1.64 -21.72 19.08
CA GLU B 420 -1.85 -22.90 18.18
C GLU B 420 -3.29 -22.93 17.62
N GLY B 421 -4.28 -22.87 18.52
CA GLY B 421 -5.73 -22.89 18.12
C GLY B 421 -6.07 -21.82 17.09
N ILE B 422 -5.60 -20.61 17.41
CA ILE B 422 -5.91 -19.49 16.58
C ILE B 422 -5.20 -19.64 15.22
N ALA B 423 -3.94 -20.07 15.29
CA ALA B 423 -3.13 -20.20 14.06
C ALA B 423 -3.78 -21.27 13.14
N ARG B 424 -4.20 -22.38 13.69
CA ARG B 424 -4.77 -23.42 12.80
C ARG B 424 -6.14 -23.01 12.27
N ALA B 425 -6.88 -22.26 13.06
CA ALA B 425 -8.13 -21.60 12.54
C ALA B 425 -7.92 -20.65 11.41
N GLU B 426 -6.93 -19.80 11.58
CA GLU B 426 -6.58 -18.88 10.49
C GLU B 426 -6.13 -19.62 9.25
N LEU B 427 -5.24 -20.58 9.41
CA LEU B 427 -4.73 -21.23 8.19
C LEU B 427 -5.90 -21.89 7.43
N PHE B 428 -6.72 -22.61 8.15
CA PHE B 428 -7.84 -23.30 7.50
C PHE B 428 -8.78 -22.29 6.86
N LEU B 429 -9.24 -21.32 7.64
CA LEU B 429 -10.26 -20.41 7.03
C LEU B 429 -9.74 -19.52 5.98
N PHE B 430 -8.52 -18.98 6.16
CA PHE B 430 -7.99 -18.18 5.07
C PHE B 430 -7.66 -18.99 3.85
N PHE B 431 -7.03 -20.12 3.98
CA PHE B 431 -6.67 -20.93 2.84
C PHE B 431 -7.91 -21.36 2.00
N THR B 432 -8.89 -21.92 2.67
CA THR B 432 -10.11 -22.36 2.03
C THR B 432 -10.88 -21.23 1.43
N THR B 433 -11.03 -20.15 2.14
CA THR B 433 -11.80 -19.02 1.59
C THR B 433 -11.17 -18.40 0.34
N ILE B 434 -9.86 -18.35 0.32
CA ILE B 434 -9.19 -17.87 -0.84
C ILE B 434 -9.41 -18.83 -1.99
N LEU B 435 -9.07 -20.10 -1.78
CA LEU B 435 -9.18 -21.07 -2.91
C LEU B 435 -10.63 -21.24 -3.33
N GLN B 436 -11.59 -21.11 -2.39
CA GLN B 436 -13.01 -21.16 -2.83
C GLN B 436 -13.30 -20.12 -3.92
N ASN B 437 -12.65 -18.96 -3.82
CA ASN B 437 -13.00 -17.86 -4.67
C ASN B 437 -12.04 -17.62 -5.81
N PHE B 438 -10.81 -18.17 -5.73
CA PHE B 438 -9.75 -17.80 -6.69
C PHE B 438 -8.88 -19.00 -7.03
N SER B 439 -8.38 -19.04 -8.26
CA SER B 439 -7.28 -19.95 -8.57
C SER B 439 -6.09 -19.05 -8.67
N MET B 440 -4.90 -19.65 -8.82
CA MET B 440 -3.66 -18.88 -8.76
C MET B 440 -2.84 -19.04 -10.02
N ALA B 441 -2.04 -18.04 -10.36
CA ALA B 441 -1.16 -18.16 -11.52
C ALA B 441 0.01 -17.33 -11.26
N SER B 442 1.06 -17.52 -12.04
CA SER B 442 2.19 -16.59 -11.96
C SER B 442 3.02 -16.80 -13.20
N PRO B 443 3.99 -15.92 -13.43
CA PRO B 443 4.88 -16.04 -14.62
C PRO B 443 5.92 -17.17 -14.59
N VAL B 444 6.12 -17.83 -13.45
CA VAL B 444 7.12 -18.91 -13.35
C VAL B 444 6.40 -20.26 -13.53
N ALA B 445 6.90 -21.10 -14.42
CA ALA B 445 6.33 -22.43 -14.59
C ALA B 445 6.56 -23.29 -13.30
N PRO B 446 5.63 -24.17 -12.96
CA PRO B 446 5.76 -24.94 -11.71
C PRO B 446 7.16 -25.61 -11.58
N GLU B 447 7.65 -26.21 -12.65
CA GLU B 447 8.95 -26.94 -12.55
C GLU B 447 10.07 -25.98 -12.25
N ASP B 448 9.94 -24.69 -12.58
CA ASP B 448 11.03 -23.70 -12.31
C ASP B 448 10.91 -22.98 -10.96
N ILE B 449 9.84 -23.21 -10.23
CA ILE B 449 9.69 -22.50 -8.95
C ILE B 449 10.73 -23.08 -7.98
N ASP B 450 11.45 -22.20 -7.31
CA ASP B 450 12.48 -22.63 -6.39
C ASP B 450 11.97 -22.41 -4.98
N LEU B 451 11.88 -23.47 -4.21
CA LEU B 451 11.36 -23.38 -2.84
C LEU B 451 12.43 -23.07 -1.81
N THR B 452 13.69 -22.85 -2.26
CA THR B 452 14.80 -22.66 -1.28
C THR B 452 14.51 -21.39 -0.50
N PRO B 453 14.62 -21.44 0.85
CA PRO B 453 14.24 -20.26 1.59
C PRO B 453 15.20 -19.12 1.39
N GLN B 454 14.66 -17.91 1.49
CA GLN B 454 15.51 -16.73 1.36
C GLN B 454 16.35 -16.57 2.65
N GLU B 455 15.86 -16.97 3.84
CA GLU B 455 16.68 -16.93 5.03
C GLU B 455 16.35 -18.24 5.75
N CYS B 456 17.31 -18.77 6.50
CA CYS B 456 17.05 -19.96 7.26
C CYS B 456 17.85 -19.84 8.53
N GLY B 457 17.24 -19.36 9.62
CA GLY B 457 17.93 -19.16 10.90
C GLY B 457 16.92 -19.49 11.97
N VAL B 458 16.69 -18.58 12.90
CA VAL B 458 15.59 -18.74 13.83
C VAL B 458 14.34 -19.04 13.04
N GLY B 459 14.13 -18.30 11.98
CA GLY B 459 13.00 -18.51 11.15
C GLY B 459 13.43 -19.04 9.79
N LYS B 460 12.53 -19.82 9.18
CA LYS B 460 12.74 -20.22 7.78
C LYS B 460 11.76 -19.37 6.91
N ILE B 461 12.31 -18.61 6.00
CA ILE B 461 11.50 -17.51 5.42
C ILE B 461 11.57 -17.76 3.90
N PRO B 462 10.42 -17.95 3.27
CA PRO B 462 10.40 -18.26 1.83
C PRO B 462 10.94 -17.10 0.98
N PRO B 463 11.34 -17.37 -0.27
CA PRO B 463 11.71 -16.30 -1.14
C PRO B 463 10.46 -15.45 -1.49
N THR B 464 10.69 -14.18 -1.84
CA THR B 464 9.66 -13.35 -2.50
C THR B 464 9.22 -13.97 -3.83
N TYR B 465 7.96 -13.74 -4.24
CA TYR B 465 7.47 -14.25 -5.48
C TYR B 465 6.25 -13.44 -5.86
N GLN B 466 5.91 -13.47 -7.16
CA GLN B 466 4.70 -12.81 -7.63
C GLN B 466 3.61 -13.82 -7.85
N ILE B 467 2.38 -13.41 -7.68
CA ILE B 467 1.25 -14.27 -7.85
C ILE B 467 0.03 -13.46 -8.31
N ARG B 468 -0.87 -14.08 -9.05
CA ARG B 468 -2.15 -13.51 -9.43
C ARG B 468 -3.27 -14.37 -8.82
N PHE B 469 -4.30 -13.74 -8.30
CA PHE B 469 -5.49 -14.46 -7.84
C PHE B 469 -6.58 -14.25 -8.87
N LEU B 470 -6.95 -15.33 -9.54
CA LEU B 470 -7.90 -15.28 -10.64
C LEU B 470 -9.27 -15.70 -10.18
N PRO B 471 -10.29 -14.80 -10.32
CA PRO B 471 -11.63 -15.14 -9.81
C PRO B 471 -12.20 -16.31 -10.55
N ARG B 472 -12.97 -17.14 -9.85
CA ARG B 472 -13.58 -18.31 -10.45
C ARG B 472 -14.95 -17.98 -11.05
CHA HEM C . -1.92 16.90 -9.36
CHB HEM C . -3.60 20.57 -11.93
CHC HEM C . -1.58 18.85 -15.93
CHD HEM C . 0.25 15.12 -13.38
C1A HEM C . -2.59 18.06 -9.70
C2A HEM C . -3.38 18.87 -8.78
C3A HEM C . -3.77 19.92 -9.50
C4A HEM C . -3.27 19.76 -10.88
CMA HEM C . -4.64 21.12 -9.07
CAA HEM C . -3.60 18.58 -7.25
CBA HEM C . -2.41 19.10 -6.43
CGA HEM C . -2.89 18.90 -4.98
O1A HEM C . -3.08 17.75 -4.53
O2A HEM C . -3.03 19.86 -4.20
C1B HEM C . -3.27 20.42 -13.28
C2B HEM C . -3.60 21.34 -14.37
C3B HEM C . -3.04 20.82 -15.49
C4B HEM C . -2.35 19.63 -15.10
CMB HEM C . -4.46 22.66 -14.20
CAB HEM C . -2.98 21.25 -16.99
CBB HEM C . -3.66 22.34 -17.28
C1C HEM C . -0.85 17.73 -15.60
C2C HEM C . 0.06 17.03 -16.48
C3C HEM C . 0.55 15.98 -15.77
C4C HEM C . -0.02 16.04 -14.40
CMC HEM C . 0.26 17.43 -17.99
CAC HEM C . 1.48 14.79 -16.19
CBC HEM C . 2.43 15.01 -17.10
C1D HEM C . -0.21 15.26 -12.08
C2D HEM C . 0.12 14.35 -11.01
C3D HEM C . -0.55 14.89 -9.78
C4D HEM C . -1.23 16.09 -10.24
CMD HEM C . 0.90 13.03 -11.11
CAD HEM C . -0.52 14.27 -8.36
CBD HEM C . 0.65 14.95 -7.65
CGD HEM C . 0.79 14.34 -6.26
O1D HEM C . 1.92 14.17 -5.75
O2D HEM C . -0.22 13.89 -5.67
NA HEM C . -2.62 18.59 -10.96
NB HEM C . -2.54 19.42 -13.76
NC HEM C . -0.86 17.15 -14.36
ND HEM C . -1.03 16.27 -11.60
FE HEM C . -1.56 18.02 -12.61
C1 CAE D . -7.93 13.89 -11.21
C1 CAE D . -7.47 12.38 -12.38
C2 CAE D . -7.90 15.00 -12.25
C2 CAE D . -7.70 12.78 -13.84
C3 CAE D . -7.67 14.20 -13.54
C3 CAE D . -8.60 14.01 -13.68
C4 CAE D . -7.60 12.74 -13.05
C4 CAE D . -8.77 14.15 -12.17
C5 CAE D . -6.29 12.57 -12.28
C5 CAE D . -9.64 13.00 -11.68
C6 CAE D . -6.51 13.37 -10.99
C6 CAE D . -8.75 11.76 -11.84
C7 CAE D . -8.59 12.78 -11.93
C7 CAE D . -7.42 13.69 -11.69
C8 CAE D . -8.56 11.48 -11.13
C8 CAE D . -7.37 13.53 -10.17
C9 CAE D . -9.99 13.15 -12.41
C9 CAE D . -6.30 14.59 -12.23
C10 CAE D . -8.63 14.30 -9.90
C10 CAE D . -6.24 11.50 -12.20
C7 CM5 E . -30.21 9.94 0.84
C8 CM5 E . -30.44 10.87 -0.38
C9 CM5 E . -30.48 10.08 -1.67
C10 CM5 E . -29.11 9.50 -1.83
C11 CM5 E . -28.73 8.57 -0.64
C6 CM5 E . -28.89 9.15 0.78
C5 CM5 E . -28.93 8.00 1.80
C4 CM5 E . -28.11 8.26 3.09
C3 CM5 E . -27.96 7.00 3.97
C2 CM5 E . -26.51 6.74 4.41
C1 CM5 E . -26.35 5.54 5.34
O12 CM5 E . -25.05 4.92 5.13
C7 CM5 F . -4.02 3.44 -23.46
C8 CM5 F . -3.53 3.92 -22.04
C9 CM5 F . -3.55 5.49 -21.89
C10 CM5 F . -2.94 6.28 -23.05
C11 CM5 F . -3.34 5.75 -24.44
C6 CM5 F . -3.29 4.19 -24.64
C5 CM5 F . -3.95 3.77 -25.99
C4 CM5 F . -3.62 2.31 -26.41
C3 CM5 F . -4.11 2.08 -27.86
C2 CM5 F . -4.18 0.60 -28.23
C1 CM5 F . -5.29 -0.12 -27.46
O12 CM5 F . -5.52 -1.35 -28.19
C13 CM5 F . -6.28 -2.39 -27.55
C18 CM5 F . -6.46 -3.67 -28.50
O22 CM5 F . -6.99 -3.33 -29.74
C17 CM5 F . -7.38 -4.51 -27.93
O21 CM5 F . -7.57 -5.69 -28.74
O14 CM5 F . -6.30 -2.55 -26.14
C15 CM5 F . -6.80 -3.76 -25.41
C19 CM5 F . -5.89 -4.26 -24.19
O20 CM5 F . -4.69 -4.93 -24.59
C16 CM5 F . -6.95 -4.96 -26.45
O23 CM5 F . -7.68 -5.63 -25.61
C24 CM5 F . -8.00 -7.08 -25.07
O25 CM5 F . -7.56 -6.88 -23.60
C26 CM5 F . -8.53 -7.06 -22.50
C30 CM5 F . -7.85 -7.82 -21.33
O31 CM5 F . -6.53 -6.89 -21.33
C27 CM5 F . -9.87 -7.51 -22.79
O32 CM5 F . -10.82 -6.93 -21.72
C28 CM5 F . -10.51 -6.98 -24.19
O33 CM5 F . -11.08 -8.29 -24.18
C29 CM5 F . -9.48 -6.48 -25.28
O34 CM5 F . -9.84 -5.31 -25.48
C7 CM5 G . -25.91 17.75 -3.18
C8 CM5 G . -24.53 17.99 -3.87
C9 CM5 G . -24.52 17.40 -5.28
C10 CM5 G . -25.63 18.01 -6.15
C11 CM5 G . -26.77 18.65 -5.32
C6 CM5 G . -27.12 17.80 -4.11
C5 CM5 G . -28.39 18.35 -3.38
C4 CM5 G . -29.67 17.44 -3.49
C3 CM5 G . -30.84 17.93 -2.59
C2 CM5 G . -30.40 19.17 -1.78
C1 CM5 G . -31.14 20.43 -2.19
O12 CM5 G . -31.74 20.85 -0.97
CHA HEM H . 5.73 -19.79 21.04
CHB HEM H . 5.14 -21.78 16.69
CHC HEM H . 1.49 -18.84 15.71
CHD HEM H . 1.95 -16.83 20.11
C1A HEM H . 5.91 -20.59 19.93
C2A HEM H . 6.95 -21.61 19.79
C3A HEM H . 6.75 -22.21 18.61
C4A HEM H . 5.59 -21.53 17.96
CMA HEM H . 7.58 -23.35 17.93
CAA HEM H . 7.98 -21.92 20.89
CBA HEM H . 7.44 -22.93 21.90
CGA HEM H . 8.65 -23.28 22.77
O1A HEM H . 9.25 -22.39 23.42
O2A HEM H . 9.02 -24.45 22.88
C1B HEM H . 4.14 -21.15 15.98
C2B HEM H . 3.70 -21.44 14.61
C3B HEM H . 2.66 -20.58 14.38
C4B HEM H . 2.47 -19.77 15.55
CMB HEM H . 4.29 -22.58 13.71
CAB HEM H . 1.74 -20.33 13.17
CBB HEM H . 1.88 -21.09 12.13
C1C HEM H . 1.25 -18.08 16.82
C2C HEM H . 0.11 -17.17 16.98
C3C HEM H . 0.27 -16.59 18.20
C4C HEM H . 1.44 -17.17 18.85
CMC HEM H . -0.98 -16.89 15.85
CAC HEM H . -0.59 -15.46 18.88
CBC HEM H . -1.90 -15.63 18.87
C1D HEM H . 3.04 -17.39 20.71
C2D HEM H . 3.51 -17.02 22.03
C3D HEM H . 4.65 -17.94 22.32
C4D HEM H . 4.79 -18.79 21.15
CMD HEM H . 2.99 -15.89 22.95
CAD HEM H . 5.55 -17.96 23.60
CBD HEM H . 4.84 -19.01 24.48
CGD HEM H . 5.62 -19.10 25.80
O1D HEM H . 5.04 -19.33 26.84
O2D HEM H . 6.84 -18.81 25.85
NA HEM H . 5.15 -20.52 18.76
NB HEM H . 3.40 -20.12 16.49
NC HEM H . 2.00 -18.07 17.97
ND HEM H . 3.85 -18.42 20.23
FE HEM H . 3.44 -19.47 18.43
C1 CAE I . 10.10 -15.61 17.35
C1 CAE I . 9.12 -13.84 17.59
C2 CAE I . 9.31 -16.16 16.18
C2 CAE I . 8.40 -13.79 16.25
C3 CAE I . 8.30 -15.02 15.92
C3 CAE I . 9.08 -14.93 15.48
C4 CAE I . 8.66 -13.98 16.99
C4 CAE I . 10.09 -15.49 16.48
C5 CAE I . 8.24 -14.53 18.35
C5 CAE I . 11.21 -14.45 16.65
C6 CAE I . 9.25 -15.67 18.61
C6 CAE I . 10.54 -13.30 17.41
C7 CAE I . 10.14 -14.15 17.07
C7 CAE I . 9.36 -15.31 17.77
C8 CAE I . 10.75 -13.34 18.22
C8 CAE I . 10.24 -15.60 18.99
C9 CAE I . 10.83 -13.84 15.73
C9 CAE I . 8.04 -16.10 17.79
C10 CAE I . 11.48 -16.27 17.53
C10 CAE I . 8.34 -13.17 18.73
C7 CM5 J . 35.52 -13.66 14.88
C8 CM5 J . 34.62 -13.78 13.63
C9 CM5 J . 33.79 -12.54 13.50
C10 CM5 J . 32.97 -12.40 14.79
C11 CM5 J . 33.80 -12.42 16.09
C6 CM5 J . 34.71 -13.64 16.19
C5 CM5 J . 35.68 -13.66 17.41
C4 CM5 J . 35.31 -12.75 18.61
C3 CM5 J . 35.76 -13.32 19.97
C2 CM5 J . 35.44 -12.33 21.09
C1 CM5 J . 35.43 -12.96 22.48
O12 CM5 J . 34.73 -12.11 23.43
C7 CM5 K . 1.55 -1.68 15.83
C8 CM5 K . 1.83 -2.75 16.94
C9 CM5 K . 1.85 -4.23 16.41
C10 CM5 K . 0.75 -4.56 15.41
C11 CM5 K . 0.20 -3.41 14.50
C6 CM5 K . 0.21 -1.95 15.06
C5 CM5 K . 0.05 -0.94 13.87
C4 CM5 K . -0.40 0.49 14.25
C3 CM5 K . -0.71 1.28 12.97
C2 CM5 K . -0.80 2.80 13.17
C1 CM5 K . 0.60 3.38 13.39
O12 CM5 K . 0.49 4.81 13.36
C13 CM5 K . 1.62 5.63 13.75
C18 CM5 K . 1.51 6.98 13.65
O22 CM5 K . 0.82 7.38 12.74
C17 CM5 K . 2.44 7.74 13.90
O21 CM5 K . 2.29 9.15 13.65
O14 CM5 K . 2.58 5.13 14.76
C15 CM5 K . 3.54 6.00 15.51
C19 CM5 K . 3.49 5.89 17.07
O20 CM5 K . 2.38 6.55 17.68
C16 CM5 K . 3.37 7.58 15.18
O23 CM5 K . 4.47 8.26 15.00
C24 CM5 K . 5.22 9.15 16.08
O25 CM5 K . 5.52 8.87 17.54
C26 CM5 K . 6.97 8.84 18.04
C30 CM5 K . 7.02 8.98 19.62
O31 CM5 K . 5.89 7.91 20.02
C27 CM5 K . 8.11 9.35 17.16
O32 CM5 K . 9.29 8.85 17.56
C28 CM5 K . 7.81 9.03 15.64
O33 CM5 K . 8.27 10.16 14.84
C29 CM5 K . 6.37 8.83 15.07
O34 CM5 K . 6.77 7.94 14.12
C7 CM5 L . 28.47 -20.40 11.34
C8 CM5 L . 27.14 -19.83 11.89
C9 CM5 L . 26.56 -18.74 10.99
C10 CM5 L . 26.80 -19.01 9.49
C11 CM5 L . 28.25 -19.42 9.13
C6 CM5 L . 29.17 -19.49 10.35
C5 CM5 L . 30.63 -19.98 9.97
C4 CM5 L . 31.73 -18.85 9.71
C3 CM5 L . 33.16 -19.25 9.16
C2 CM5 L . 33.64 -20.67 9.57
C1 CM5 L . 33.25 -21.76 8.54
O12 CM5 L . 34.28 -22.76 8.37
#